data_4ZBP
#
_entry.id   4ZBP
#
_cell.length_a   48.202
_cell.length_b   258.720
_cell.length_c   157.548
_cell.angle_alpha   90.000
_cell.angle_beta   90.000
_cell.angle_gamma   90.000
#
_symmetry.space_group_name_H-M   'C 2 2 21'
#
loop_
_entity.id
_entity.type
_entity.pdbx_description
1 polymer 'Nudix hydrolase 7'
2 non-polymer 'SULFATE ION'
3 non-polymer 'ALPHA-BETA METHYLENE ADP-RIBOSE'
4 water water
#
_entity_poly.entity_id   1
_entity_poly.type   'polypeptide(L)'
_entity_poly.pdbx_seq_one_letter_code
;MGSHHHHHHHHGSDYDIPTTENLYFQGSMGTRAQQIPLLEGETDNYDGVTVTMVEPMDSEVFTESLRASLSHWREEGKKG
IWIKLPLGLANLVEAAVSEGFRYHHAEPEYLMLVSWISETPDTIPANASHVVGAGALVINKNTKEVLVVQERSGFFKDKN
VWKLPTGVINEGEDIWTGVAREVEEETGIIADFVEVLAFRQSHKAILKKKTDMFFLCVLSPRSYDITEQKSEILQAKWMP
IQEYVDQPWNKKNEMFKFMANICQKKCEEEYLGFAIVPTTTSSGKESFIYCNADHAKRLKVSRDQASASL
;
_entity_poly.pdbx_strand_id   A,B,C
#
loop_
_chem_comp.id
_chem_comp.type
_chem_comp.name
_chem_comp.formula
ADV non-polymer 'ALPHA-BETA METHYLENE ADP-RIBOSE' 'C16 H25 N5 O13 P2'
SO4 non-polymer 'SULFATE ION' 'O4 S -2'
#
# COMPACT_ATOMS: atom_id res chain seq x y z
N ILE A 36 -16.14 33.86 16.24
CA ILE A 36 -15.93 32.44 15.86
C ILE A 36 -14.59 32.24 15.14
N PRO A 37 -13.87 31.14 15.44
CA PRO A 37 -12.47 31.04 15.07
C PRO A 37 -12.25 30.84 13.57
N LEU A 38 -11.16 31.40 13.07
CA LEU A 38 -10.75 31.24 11.69
C LEU A 38 -10.04 29.92 11.52
N LEU A 39 -9.71 29.57 10.28
CA LEU A 39 -8.86 28.42 10.01
C LEU A 39 -7.42 28.89 9.95
N GLU A 40 -6.48 28.07 10.42
CA GLU A 40 -5.06 28.39 10.30
C GLU A 40 -4.63 28.20 8.86
N GLY A 41 -4.23 29.29 8.23
CA GLY A 41 -3.78 29.29 6.86
C GLY A 41 -2.35 29.75 6.70
N GLU A 42 -1.62 29.07 5.84
CA GLU A 42 -0.21 29.34 5.59
C GLU A 42 -0.05 29.93 4.20
N THR A 43 0.55 31.11 4.17
CA THR A 43 0.56 32.00 3.01
C THR A 43 1.78 31.77 2.13
N ASP A 44 1.73 32.32 0.92
CA ASP A 44 2.84 32.29 -0.01
C ASP A 44 2.99 33.66 -0.68
N ASN A 45 3.98 33.76 -1.57
CA ASN A 45 4.15 34.98 -2.38
C ASN A 45 3.51 34.86 -3.76
N TYR A 46 2.63 33.87 -3.93
CA TYR A 46 1.72 33.80 -5.08
C TYR A 46 0.34 34.32 -4.68
N ASP A 47 0.26 34.92 -3.49
CA ASP A 47 -0.98 35.49 -2.91
C ASP A 47 -2.01 34.46 -2.43
N GLY A 48 -1.67 33.19 -2.59
CA GLY A 48 -2.54 32.12 -2.13
C GLY A 48 -2.34 31.75 -0.67
N VAL A 49 -3.09 30.75 -0.25
CA VAL A 49 -3.04 30.23 1.10
C VAL A 49 -3.45 28.76 1.11
N THR A 50 -2.65 27.95 1.79
CA THR A 50 -2.92 26.54 1.94
C THR A 50 -3.28 26.24 3.39
N VAL A 51 -4.53 25.81 3.60
CA VAL A 51 -4.97 25.33 4.90
C VAL A 51 -4.76 23.82 4.95
N THR A 52 -3.85 23.39 5.83
CA THR A 52 -3.65 21.96 6.09
C THR A 52 -4.53 21.53 7.26
N MET A 53 -5.64 20.88 6.92
CA MET A 53 -6.55 20.31 7.91
C MET A 53 -5.92 19.06 8.49
N VAL A 54 -5.75 19.06 9.81
CA VAL A 54 -5.06 17.98 10.49
C VAL A 54 -5.90 17.30 11.57
N GLU A 55 -6.71 18.06 12.29
CA GLU A 55 -7.49 17.47 13.38
C GLU A 55 -8.95 17.42 13.02
N PRO A 56 -9.66 16.37 13.45
CA PRO A 56 -11.09 16.23 13.23
C PRO A 56 -11.89 17.48 13.60
N MET A 57 -13.00 17.71 12.92
CA MET A 57 -13.90 18.83 13.22
C MET A 57 -15.31 18.52 12.75
N ASP A 58 -16.29 18.90 13.56
CA ASP A 58 -17.69 18.89 13.15
C ASP A 58 -17.95 19.72 11.87
N SER A 59 -18.77 19.20 10.95
CA SER A 59 -18.98 19.86 9.64
C SER A 59 -19.66 21.22 9.76
N GLU A 60 -20.68 21.32 10.61
CA GLU A 60 -21.39 22.60 10.85
C GLU A 60 -20.43 23.70 11.30
N VAL A 61 -19.49 23.32 12.17
CA VAL A 61 -18.46 24.22 12.68
C VAL A 61 -17.49 24.57 11.55
N PHE A 62 -17.07 23.58 10.79
CA PHE A 62 -16.15 23.80 9.65
C PHE A 62 -16.69 24.81 8.63
N THR A 63 -17.96 24.67 8.17
CA THR A 63 -18.51 25.59 7.16
C THR A 63 -18.60 27.03 7.67
N GLU A 64 -19.00 27.18 8.93
CA GLU A 64 -19.13 28.49 9.54
C GLU A 64 -17.76 29.13 9.80
N SER A 65 -16.78 28.30 10.13
CA SER A 65 -15.40 28.74 10.35
C SER A 65 -14.69 29.02 9.02
N LEU A 66 -15.18 28.38 7.97
CA LEU A 66 -14.67 28.57 6.64
C LEU A 66 -15.29 29.81 6.01
N ARG A 67 -16.61 29.97 6.17
CA ARG A 67 -17.30 31.14 5.63
C ARG A 67 -16.75 32.47 6.18
N ALA A 68 -16.41 32.47 7.46
CA ALA A 68 -15.75 33.60 8.12
C ALA A 68 -14.35 33.80 7.54
N SER A 69 -13.63 32.70 7.30
CA SER A 69 -12.29 32.77 6.75
C SER A 69 -12.29 33.27 5.32
N LEU A 70 -13.31 32.88 4.56
CA LEU A 70 -13.47 33.36 3.19
C LEU A 70 -13.70 34.86 3.13
N SER A 71 -14.36 35.39 4.15
CA SER A 71 -14.64 36.81 4.23
C SER A 71 -13.36 37.60 4.52
N HIS A 72 -12.55 37.10 5.45
CA HIS A 72 -11.30 37.76 5.82
C HIS A 72 -10.15 37.56 4.89
N TRP A 73 -10.35 36.72 3.87
CA TRP A 73 -9.35 36.50 2.86
C TRP A 73 -9.62 37.26 1.60
N ARG A 74 -10.86 37.69 1.43
CA ARG A 74 -11.25 38.54 0.31
C ARG A 74 -10.92 40.00 0.59
N GLU A 75 -10.82 40.33 1.87
CA GLU A 75 -10.45 41.67 2.32
C GLU A 75 -8.94 41.83 2.25
N GLU A 76 -8.23 40.81 2.74
CA GLU A 76 -6.77 40.69 2.61
C GLU A 76 -6.38 40.46 1.15
N GLY A 77 -5.19 39.92 0.93
CA GLY A 77 -4.88 39.24 -0.34
C GLY A 77 -5.94 38.17 -0.54
N LYS A 78 -6.65 38.29 -1.67
CA LYS A 78 -7.95 37.61 -1.87
C LYS A 78 -7.92 36.31 -2.67
N LYS A 79 -7.00 36.17 -3.61
CA LYS A 79 -7.12 35.12 -4.65
C LYS A 79 -6.50 33.81 -4.20
N GLY A 80 -7.05 32.68 -4.62
CA GLY A 80 -6.32 31.41 -4.55
C GLY A 80 -6.22 30.69 -3.20
N ILE A 81 -7.28 29.99 -2.78
CA ILE A 81 -7.26 29.32 -1.47
C ILE A 81 -7.29 27.78 -1.55
N TRP A 82 -6.36 27.11 -0.85
CA TRP A 82 -6.20 25.64 -0.91
C TRP A 82 -6.55 24.96 0.39
N ILE A 83 -7.42 23.95 0.33
CA ILE A 83 -7.68 23.10 1.50
C ILE A 83 -7.19 21.66 1.27
N LYS A 84 -6.18 21.27 2.04
CA LYS A 84 -5.66 19.91 2.07
C LYS A 84 -6.51 19.12 3.07
N LEU A 85 -7.25 18.13 2.56
CA LEU A 85 -8.22 17.40 3.36
C LEU A 85 -7.85 15.91 3.39
N PRO A 86 -7.28 15.45 4.53
CA PRO A 86 -6.82 14.07 4.65
C PRO A 86 -8.01 13.10 4.76
N LEU A 87 -7.76 11.85 4.39
CA LEU A 87 -8.78 10.80 4.27
C LEU A 87 -9.70 10.70 5.47
N GLY A 88 -9.16 10.84 6.69
CA GLY A 88 -9.96 10.75 7.94
C GLY A 88 -10.91 11.92 8.14
N LEU A 89 -10.71 12.98 7.35
CA LEU A 89 -11.52 14.18 7.45
C LEU A 89 -12.39 14.30 6.20
N ALA A 90 -12.79 13.17 5.66
CA ALA A 90 -13.70 13.10 4.54
C ALA A 90 -15.08 13.66 4.90
N ASN A 91 -15.36 13.85 6.20
CA ASN A 91 -16.67 14.37 6.61
C ASN A 91 -16.76 15.87 6.32
N LEU A 92 -15.67 16.43 5.82
CA LEU A 92 -15.55 17.87 5.54
C LEU A 92 -15.66 18.21 4.07
N VAL A 93 -15.52 17.23 3.16
CA VAL A 93 -15.37 17.60 1.74
C VAL A 93 -16.62 18.23 1.17
N GLU A 94 -17.77 17.72 1.58
CA GLU A 94 -19.05 18.28 1.14
C GLU A 94 -19.17 19.74 1.57
N ALA A 95 -18.88 20.02 2.82
CA ALA A 95 -18.95 21.36 3.36
C ALA A 95 -18.10 22.31 2.52
N ALA A 96 -16.84 21.93 2.26
CA ALA A 96 -15.96 22.69 1.37
C ALA A 96 -16.54 22.87 -0.03
N VAL A 97 -16.93 21.77 -0.66
CA VAL A 97 -17.48 21.80 -2.02
C VAL A 97 -18.74 22.66 -2.11
N SER A 98 -19.53 22.65 -1.03
CA SER A 98 -20.76 23.42 -0.98
C SER A 98 -20.43 24.92 -1.01
N GLU A 99 -19.26 25.27 -0.47
CA GLU A 99 -18.78 26.65 -0.45
C GLU A 99 -18.03 27.06 -1.71
N GLY A 100 -18.16 26.26 -2.76
CA GLY A 100 -17.57 26.58 -4.06
C GLY A 100 -16.15 26.09 -4.29
N PHE A 101 -15.61 25.29 -3.38
CA PHE A 101 -14.34 24.64 -3.63
C PHE A 101 -14.51 23.53 -4.66
N ARG A 102 -13.47 23.28 -5.44
CA ARG A 102 -13.44 22.21 -6.45
C ARG A 102 -12.23 21.33 -6.17
N TYR A 103 -12.08 20.21 -6.89
CA TYR A 103 -10.94 19.31 -6.64
C TYR A 103 -9.74 19.73 -7.46
N HIS A 104 -8.58 19.61 -6.86
CA HIS A 104 -7.35 19.89 -7.58
C HIS A 104 -6.59 18.62 -7.87
N HIS A 105 -6.30 17.82 -6.83
CA HIS A 105 -5.65 16.52 -7.03
C HIS A 105 -5.81 15.71 -5.79
N ALA A 106 -5.53 14.41 -5.92
CA ALA A 106 -5.62 13.52 -4.77
C ALA A 106 -4.55 12.47 -4.70
N GLU A 107 -4.09 12.22 -3.47
CA GLU A 107 -3.33 11.03 -3.10
C GLU A 107 -4.22 10.16 -2.22
N PRO A 108 -3.81 8.92 -1.94
CA PRO A 108 -4.54 8.19 -0.88
C PRO A 108 -4.19 8.77 0.51
N GLU A 109 -5.22 8.99 1.31
CA GLU A 109 -5.10 9.65 2.65
C GLU A 109 -5.09 11.18 2.64
N TYR A 110 -5.20 11.79 1.46
CA TYR A 110 -5.50 13.26 1.39
C TYR A 110 -6.10 13.73 0.05
N LEU A 111 -7.04 14.65 0.15
CA LEU A 111 -7.66 15.27 -0.99
C LEU A 111 -7.31 16.77 -1.02
N MET A 112 -6.78 17.23 -2.14
CA MET A 112 -6.49 18.66 -2.27
C MET A 112 -7.61 19.41 -3.00
N LEU A 113 -8.20 20.38 -2.32
CA LEU A 113 -9.28 21.19 -2.86
C LEU A 113 -8.79 22.62 -3.00
N VAL A 114 -9.40 23.34 -3.93
CA VAL A 114 -8.97 24.68 -4.26
C VAL A 114 -10.15 25.58 -4.58
N SER A 115 -9.95 26.89 -4.44
CA SER A 115 -10.96 27.88 -4.80
C SER A 115 -10.29 29.23 -5.14
N TRP A 116 -10.89 29.92 -6.10
CA TRP A 116 -10.42 31.24 -6.49
C TRP A 116 -11.40 32.21 -5.98
N ILE A 117 -11.00 32.99 -4.97
CA ILE A 117 -11.93 33.83 -4.25
C ILE A 117 -11.79 35.31 -4.63
N SER A 118 -10.93 35.58 -5.60
CA SER A 118 -10.76 36.91 -6.19
C SER A 118 -11.72 37.14 -7.35
N GLU A 119 -11.85 38.40 -7.76
CA GLU A 119 -12.61 38.75 -8.97
C GLU A 119 -11.69 38.93 -10.17
N THR A 120 -10.39 38.80 -9.94
CA THR A 120 -9.38 38.65 -10.98
C THR A 120 -9.63 37.32 -11.70
N PRO A 121 -9.31 37.25 -13.01
CA PRO A 121 -9.37 36.01 -13.76
C PRO A 121 -8.84 34.83 -12.96
N ASP A 122 -9.65 33.77 -12.86
CA ASP A 122 -9.17 32.53 -12.23
C ASP A 122 -7.97 32.01 -13.01
N THR A 123 -6.82 32.06 -12.36
CA THR A 123 -5.61 31.42 -12.86
C THR A 123 -5.17 30.59 -11.71
N ILE A 124 -5.73 29.40 -11.63
CA ILE A 124 -5.27 28.42 -10.67
C ILE A 124 -4.57 27.40 -11.52
N PRO A 125 -3.31 27.08 -11.16
CA PRO A 125 -2.54 26.17 -12.00
C PRO A 125 -3.10 24.75 -11.91
N ALA A 126 -3.12 24.04 -13.03
CA ALA A 126 -3.57 22.66 -13.02
C ALA A 126 -2.51 21.83 -12.32
N ASN A 127 -2.83 20.58 -12.01
CA ASN A 127 -1.90 19.69 -11.37
C ASN A 127 -0.76 19.42 -12.31
N ALA A 128 0.45 19.42 -11.77
CA ALA A 128 1.66 19.24 -12.57
C ALA A 128 2.46 18.02 -12.09
N SER A 129 1.77 17.16 -11.35
CA SER A 129 2.38 15.91 -10.89
C SER A 129 1.92 14.74 -11.75
N HIS A 130 2.84 13.81 -12.01
CA HIS A 130 2.59 12.66 -12.84
C HIS A 130 2.92 11.38 -12.12
N VAL A 131 2.22 10.31 -12.50
CA VAL A 131 2.50 8.95 -12.02
C VAL A 131 3.55 8.33 -12.92
N VAL A 132 4.69 7.96 -12.33
CA VAL A 132 5.81 7.43 -13.11
C VAL A 132 5.86 5.91 -13.00
N GLY A 133 5.93 5.26 -14.16
CA GLY A 133 6.18 3.84 -14.22
C GLY A 133 7.50 3.51 -14.91
N ALA A 134 8.05 2.33 -14.59
CA ALA A 134 9.30 1.88 -15.21
C ALA A 134 9.24 0.47 -15.75
N GLY A 135 9.86 0.24 -16.91
CA GLY A 135 10.00 -1.09 -17.49
C GLY A 135 11.44 -1.58 -17.38
N ALA A 136 11.62 -2.77 -16.83
CA ALA A 136 12.95 -3.36 -16.66
C ALA A 136 13.34 -4.28 -17.81
N LEU A 137 14.43 -3.93 -18.52
CA LEU A 137 15.06 -4.86 -19.44
C LEU A 137 16.33 -5.37 -18.76
N VAL A 138 16.28 -6.63 -18.32
CA VAL A 138 17.38 -7.25 -17.64
C VAL A 138 18.08 -8.13 -18.65
N ILE A 139 19.28 -7.72 -19.06
CA ILE A 139 20.02 -8.45 -20.08
C ILE A 139 21.09 -9.35 -19.45
N ASN A 140 20.98 -10.64 -19.70
CA ASN A 140 22.13 -11.53 -19.58
C ASN A 140 22.96 -11.28 -20.84
N LYS A 141 24.07 -10.56 -20.66
CA LYS A 141 24.94 -10.17 -21.76
C LYS A 141 25.72 -11.37 -22.30
N ASN A 142 25.86 -12.38 -21.44
CA ASN A 142 26.57 -13.61 -21.78
C ASN A 142 25.79 -14.44 -22.78
N THR A 143 24.47 -14.52 -22.61
CA THR A 143 23.63 -15.40 -23.43
C THR A 143 22.65 -14.64 -24.31
N LYS A 144 22.72 -13.32 -24.29
CA LYS A 144 21.79 -12.44 -25.00
C LYS A 144 20.33 -12.81 -24.68
N GLU A 145 20.05 -13.05 -23.40
CA GLU A 145 18.71 -13.41 -22.94
C GLU A 145 18.15 -12.36 -22.00
N VAL A 146 16.83 -12.28 -21.93
CA VAL A 146 16.15 -11.26 -21.13
C VAL A 146 15.12 -11.82 -20.16
N LEU A 147 14.97 -11.18 -19.01
CA LEU A 147 14.08 -11.64 -17.95
C LEU A 147 12.64 -11.22 -18.23
N VAL A 148 11.75 -12.20 -18.36
CA VAL A 148 10.33 -11.96 -18.66
C VAL A 148 9.39 -12.50 -17.57
N VAL A 149 8.15 -12.04 -17.61
CA VAL A 149 7.13 -12.37 -16.61
C VAL A 149 5.78 -12.60 -17.32
N GLN A 150 4.83 -13.27 -16.66
CA GLN A 150 3.45 -13.38 -17.18
C GLN A 150 2.82 -11.98 -17.38
N VAL A 161 2.75 -14.42 -24.52
CA VAL A 161 2.09 -14.04 -23.27
C VAL A 161 3.09 -13.34 -22.30
N TRP A 162 4.37 -13.34 -22.66
CA TRP A 162 5.47 -12.85 -21.77
C TRP A 162 5.81 -11.39 -21.90
N LYS A 163 6.04 -10.73 -20.78
CA LYS A 163 6.35 -9.28 -20.74
C LYS A 163 7.52 -8.96 -19.82
N LEU A 164 8.07 -7.76 -19.93
CA LEU A 164 9.13 -7.32 -19.04
C LEU A 164 8.51 -6.92 -17.71
N PRO A 165 9.24 -7.11 -16.61
CA PRO A 165 8.72 -6.65 -15.32
C PRO A 165 8.56 -5.15 -15.29
N THR A 166 7.34 -4.69 -15.03
CA THR A 166 7.04 -3.28 -14.91
C THR A 166 6.47 -2.99 -13.55
N GLY A 167 6.63 -1.76 -13.09
CA GLY A 167 6.00 -1.28 -11.86
C GLY A 167 5.98 0.24 -11.87
N VAL A 168 5.58 0.82 -10.75
CA VAL A 168 5.55 2.27 -10.64
C VAL A 168 6.68 2.75 -9.73
N ILE A 169 7.13 3.99 -9.94
CA ILE A 169 8.15 4.60 -9.14
C ILE A 169 7.49 5.37 -8.01
N ASN A 170 7.76 4.96 -6.78
CA ASN A 170 7.15 5.57 -5.58
C ASN A 170 7.54 7.02 -5.39
N GLU A 171 6.70 7.76 -4.66
CA GLU A 171 7.05 9.08 -4.17
C GLU A 171 8.31 9.06 -3.32
N GLY A 172 9.32 9.81 -3.77
CA GLY A 172 10.60 9.86 -3.05
C GLY A 172 11.60 8.84 -3.53
N GLU A 173 11.17 8.01 -4.46
CA GLU A 173 12.01 6.98 -5.00
C GLU A 173 12.64 7.36 -6.33
N ASP A 174 13.89 6.97 -6.50
CA ASP A 174 14.60 7.14 -7.74
C ASP A 174 14.23 6.08 -8.74
N ILE A 175 14.26 6.42 -10.03
CA ILE A 175 13.96 5.48 -11.09
C ILE A 175 14.89 4.25 -11.04
N TRP A 176 16.17 4.52 -10.89
CA TRP A 176 17.16 3.48 -10.85
C TRP A 176 17.03 2.56 -9.66
N THR A 177 16.63 3.12 -8.53
CA THR A 177 16.30 2.32 -7.34
C THR A 177 14.99 1.59 -7.55
N GLY A 178 13.99 2.31 -8.04
CA GLY A 178 12.65 1.77 -8.22
C GLY A 178 12.57 0.59 -9.15
N VAL A 179 13.24 0.70 -10.30
CA VAL A 179 13.19 -0.33 -11.32
C VAL A 179 13.84 -1.63 -10.85
N ALA A 180 14.85 -1.52 -10.01
CA ALA A 180 15.57 -2.67 -9.48
C ALA A 180 14.72 -3.39 -8.46
N ARG A 181 14.08 -2.62 -7.57
CA ARG A 181 13.20 -3.16 -6.53
C ARG A 181 12.08 -4.00 -7.15
N GLU A 182 11.54 -3.54 -8.27
CA GLU A 182 10.46 -4.25 -8.94
C GLU A 182 10.91 -5.63 -9.43
N VAL A 183 12.11 -5.69 -10.01
CA VAL A 183 12.72 -6.93 -10.47
C VAL A 183 12.89 -7.90 -9.29
N GLU A 184 13.44 -7.40 -8.19
CA GLU A 184 13.62 -8.18 -6.97
C GLU A 184 12.26 -8.63 -6.38
N GLU A 185 11.27 -7.76 -6.37
CA GLU A 185 9.92 -8.08 -5.86
C GLU A 185 9.21 -9.13 -6.72
N GLU A 186 9.52 -9.14 -8.02
CA GLU A 186 8.80 -9.97 -8.98
C GLU A 186 9.48 -11.29 -9.24
N THR A 187 10.80 -11.27 -9.39
CA THR A 187 11.54 -12.47 -9.80
C THR A 187 12.51 -12.94 -8.72
N GLY A 188 12.76 -12.12 -7.73
CA GLY A 188 13.69 -12.47 -6.67
C GLY A 188 15.12 -12.17 -7.01
N ILE A 189 15.41 -11.88 -8.28
CA ILE A 189 16.80 -11.69 -8.72
C ILE A 189 17.25 -10.24 -8.51
N ILE A 190 18.55 -10.04 -8.25
CA ILE A 190 19.05 -8.69 -8.09
C ILE A 190 19.77 -8.22 -9.37
N ALA A 191 19.55 -6.96 -9.72
CA ALA A 191 20.05 -6.38 -10.94
C ALA A 191 20.29 -4.88 -10.75
N ASP A 192 21.41 -4.42 -11.29
CA ASP A 192 21.81 -3.01 -11.16
C ASP A 192 21.32 -2.26 -12.40
N PHE A 193 21.06 -0.96 -12.25
CA PHE A 193 20.58 -0.12 -13.33
C PHE A 193 21.74 0.37 -14.19
N VAL A 194 21.60 0.25 -15.51
CA VAL A 194 22.64 0.69 -16.44
C VAL A 194 22.25 2.00 -17.12
N GLU A 195 21.14 1.98 -17.85
CA GLU A 195 20.74 3.12 -18.65
C GLU A 195 19.22 3.21 -18.78
N VAL A 196 18.75 4.35 -19.27
CA VAL A 196 17.38 4.51 -19.69
C VAL A 196 17.43 4.50 -21.21
N LEU A 197 16.74 3.53 -21.80
CA LEU A 197 16.71 3.38 -23.24
C LEU A 197 15.69 4.32 -23.92
N ALA A 198 14.52 4.44 -23.32
CA ALA A 198 13.44 5.26 -23.87
C ALA A 198 12.43 5.60 -22.80
N PHE A 199 11.68 6.68 -23.05
CA PHE A 199 10.52 6.97 -22.25
C PHE A 199 9.36 7.50 -23.09
N ARG A 200 8.15 7.36 -22.55
CA ARG A 200 6.92 7.73 -23.24
C ARG A 200 5.89 8.28 -22.26
N GLN A 201 4.89 8.98 -22.79
CA GLN A 201 3.74 9.44 -22.00
C GLN A 201 2.47 8.84 -22.57
N SER A 202 1.40 8.86 -21.79
CA SER A 202 0.13 8.31 -22.27
C SER A 202 -1.09 9.01 -21.72
N HIS A 203 -2.02 9.32 -22.63
CA HIS A 203 -3.42 9.59 -22.28
C HIS A 203 -4.20 9.86 -23.57
N LYS A 204 -5.53 9.94 -23.57
CA LYS A 204 -6.48 9.89 -22.43
C LYS A 204 -6.16 8.87 -21.35
N ALA A 205 -6.05 9.34 -20.12
CA ALA A 205 -5.78 8.50 -18.97
C ALA A 205 -7.12 8.23 -18.28
N ILE A 206 -7.58 7.00 -18.38
CA ILE A 206 -8.85 6.60 -17.80
C ILE A 206 -8.59 6.09 -16.39
N LEU A 207 -7.37 5.59 -16.15
CA LEU A 207 -6.98 5.02 -14.87
C LEU A 207 -5.53 5.34 -14.55
N ASP A 212 0.63 9.90 -16.31
CA ASP A 212 1.47 8.70 -16.42
C ASP A 212 2.69 8.97 -17.28
N MET A 213 3.81 8.39 -16.87
CA MET A 213 5.05 8.49 -17.61
C MET A 213 5.80 7.15 -17.50
N PHE A 214 6.33 6.65 -18.61
CA PHE A 214 6.96 5.32 -18.62
C PHE A 214 8.42 5.39 -19.07
N PHE A 215 9.32 4.87 -18.23
CA PHE A 215 10.74 4.78 -18.57
C PHE A 215 11.15 3.37 -18.80
N LEU A 216 11.63 3.08 -20.01
CA LEU A 216 12.27 1.81 -20.32
C LEU A 216 13.72 1.85 -19.86
N CYS A 217 14.07 0.95 -18.93
CA CYS A 217 15.40 0.89 -18.38
C CYS A 217 16.09 -0.44 -18.66
N VAL A 218 17.40 -0.37 -18.87
CA VAL A 218 18.21 -1.58 -18.99
C VAL A 218 18.94 -1.84 -17.69
N LEU A 219 18.84 -3.08 -17.20
CA LEU A 219 19.46 -3.51 -15.96
C LEU A 219 20.50 -4.59 -16.23
N SER A 220 21.54 -4.65 -15.41
CA SER A 220 22.52 -5.71 -15.47
C SER A 220 22.37 -6.64 -14.27
N PRO A 221 22.14 -7.94 -14.52
CA PRO A 221 21.89 -8.90 -13.46
C PRO A 221 23.15 -9.37 -12.72
N ARG A 222 23.03 -9.52 -11.40
CA ARG A 222 24.11 -10.03 -10.57
C ARG A 222 23.82 -11.46 -10.13
N SER A 223 22.58 -11.89 -10.33
CA SER A 223 22.15 -13.25 -9.99
C SER A 223 21.18 -13.72 -11.05
N TYR A 224 21.06 -15.04 -11.22
CA TYR A 224 20.34 -15.61 -12.37
C TYR A 224 19.27 -16.62 -11.95
N ASP A 225 19.34 -17.06 -10.69
CA ASP A 225 18.36 -17.99 -10.15
C ASP A 225 17.07 -17.25 -9.85
N ILE A 226 15.97 -17.74 -10.41
CA ILE A 226 14.63 -17.27 -10.08
C ILE A 226 14.10 -18.20 -9.00
N THR A 227 13.41 -17.63 -8.02
CA THR A 227 12.93 -18.41 -6.86
C THR A 227 11.46 -18.85 -7.06
N GLU A 228 11.08 -20.02 -6.55
CA GLU A 228 9.67 -20.45 -6.60
C GLU A 228 9.15 -20.60 -5.17
N GLN A 229 8.07 -19.90 -4.81
CA GLN A 229 7.30 -19.05 -5.73
C GLN A 229 7.42 -17.56 -5.39
N LYS A 230 8.12 -16.84 -6.27
CA LYS A 230 8.40 -15.40 -6.16
C LYS A 230 7.18 -14.50 -5.86
N SER A 231 6.05 -14.74 -6.53
CA SER A 231 4.82 -13.97 -6.24
C SER A 231 3.54 -14.72 -6.62
N GLU A 232 2.43 -14.28 -6.04
CA GLU A 232 1.12 -14.81 -6.38
C GLU A 232 0.72 -14.40 -7.80
N ILE A 233 0.31 -15.40 -8.59
CA ILE A 233 -0.05 -15.24 -10.01
C ILE A 233 1.06 -14.46 -10.76
N LEU A 234 2.31 -14.64 -10.32
CA LEU A 234 3.46 -14.16 -11.06
C LEU A 234 4.27 -15.38 -11.50
N GLN A 235 4.84 -15.34 -12.71
CA GLN A 235 5.66 -16.44 -13.23
C GLN A 235 6.81 -15.89 -14.07
N ALA A 236 7.98 -16.54 -14.07
CA ALA A 236 9.16 -15.97 -14.74
C ALA A 236 10.13 -16.97 -15.38
N LYS A 237 10.84 -16.53 -16.42
CA LYS A 237 11.88 -17.32 -17.09
C LYS A 237 12.87 -16.42 -17.87
N TRP A 238 14.00 -16.99 -18.29
CA TRP A 238 14.93 -16.30 -19.22
C TRP A 238 14.56 -16.63 -20.64
N MET A 239 14.44 -15.60 -21.46
CA MET A 239 14.02 -15.75 -22.84
C MET A 239 15.02 -15.12 -23.81
N PRO A 240 15.37 -15.84 -24.89
CA PRO A 240 16.23 -15.27 -25.93
C PRO A 240 15.58 -14.03 -26.51
N ILE A 241 16.41 -13.02 -26.80
CA ILE A 241 15.91 -11.73 -27.25
C ILE A 241 15.05 -11.85 -28.51
N GLN A 242 15.48 -12.70 -29.45
CA GLN A 242 14.77 -12.87 -30.69
C GLN A 242 13.35 -13.42 -30.48
N GLU A 243 13.18 -14.25 -29.45
CA GLU A 243 11.86 -14.79 -29.12
C GLU A 243 10.95 -13.71 -28.56
N TYR A 244 11.52 -12.80 -27.78
CA TYR A 244 10.75 -11.71 -27.17
C TYR A 244 10.27 -10.69 -28.20
N VAL A 245 11.14 -10.39 -29.17
CA VAL A 245 10.82 -9.42 -30.22
C VAL A 245 9.78 -10.00 -31.19
N ASP A 246 9.92 -11.29 -31.51
CA ASP A 246 9.03 -11.98 -32.45
C ASP A 246 7.73 -12.48 -31.82
N GLN A 247 7.45 -12.03 -30.60
CA GLN A 247 6.35 -12.57 -29.79
C GLN A 247 4.95 -12.27 -30.37
N PRO A 248 3.87 -12.89 -29.81
CA PRO A 248 2.58 -12.92 -30.53
C PRO A 248 2.01 -11.55 -30.87
N TRP A 249 2.51 -10.50 -30.22
CA TRP A 249 2.11 -9.14 -30.58
C TRP A 249 2.67 -8.79 -31.96
N ASN A 250 3.85 -9.32 -32.30
CA ASN A 250 4.64 -8.86 -33.48
C ASN A 250 3.81 -8.12 -34.55
N LYS A 251 4.11 -6.82 -34.70
CA LYS A 251 3.33 -5.84 -35.50
C LYS A 251 1.93 -5.55 -34.96
N LYS A 252 1.70 -5.81 -33.67
CA LYS A 252 0.39 -5.54 -33.05
C LYS A 252 0.12 -4.04 -33.09
N ASN A 253 1.12 -3.28 -32.67
CA ASN A 253 1.11 -1.85 -32.83
C ASN A 253 2.52 -1.31 -32.90
N GLU A 254 2.61 -0.14 -33.52
CA GLU A 254 3.87 0.53 -33.82
C GLU A 254 4.69 0.79 -32.55
N MET A 255 3.99 0.98 -31.42
CA MET A 255 4.60 1.37 -30.18
C MET A 255 5.36 0.20 -29.52
N PHE A 256 4.71 -0.96 -29.37
CA PHE A 256 5.34 -2.14 -28.78
C PHE A 256 6.50 -2.63 -29.63
N LYS A 257 6.33 -2.51 -30.94
CA LYS A 257 7.34 -2.90 -31.93
C LYS A 257 8.59 -2.02 -31.85
N PHE A 258 8.38 -0.73 -31.65
CA PHE A 258 9.48 0.23 -31.52
C PHE A 258 10.27 0.03 -30.21
N MET A 259 9.55 -0.21 -29.11
CA MET A 259 10.16 -0.46 -27.82
C MET A 259 10.98 -1.76 -27.85
N ALA A 260 10.48 -2.75 -28.57
CA ALA A 260 11.14 -4.04 -28.71
C ALA A 260 12.43 -3.91 -29.52
N ASN A 261 12.36 -3.16 -30.61
CA ASN A 261 13.54 -2.95 -31.44
C ASN A 261 14.65 -2.25 -30.65
N ILE A 262 14.26 -1.33 -29.76
CA ILE A 262 15.20 -0.63 -28.91
C ILE A 262 15.83 -1.61 -27.92
N CYS A 263 15.01 -2.48 -27.32
CA CYS A 263 15.53 -3.56 -26.46
C CYS A 263 16.60 -4.40 -27.17
N GLN A 264 16.30 -4.76 -28.42
CA GLN A 264 17.18 -5.60 -29.24
C GLN A 264 18.52 -4.95 -29.57
N LYS A 265 18.50 -3.66 -29.91
CA LYS A 265 19.72 -2.91 -30.24
C LYS A 265 20.66 -2.79 -29.06
N LYS A 266 20.12 -2.72 -27.86
CA LYS A 266 20.93 -2.72 -26.63
C LYS A 266 21.49 -4.11 -26.33
N CYS A 267 20.73 -5.15 -26.72
CA CYS A 267 21.20 -6.53 -26.60
C CYS A 267 22.35 -6.81 -27.55
N GLU A 268 22.37 -6.07 -28.65
CA GLU A 268 23.46 -6.15 -29.63
C GLU A 268 24.52 -5.09 -29.34
N GLU A 269 24.42 -4.43 -28.18
CA GLU A 269 25.38 -3.39 -27.74
C GLU A 269 25.62 -2.26 -28.76
N GLU A 270 24.53 -1.82 -29.41
CA GLU A 270 24.62 -0.74 -30.39
C GLU A 270 23.72 0.44 -30.01
N TYR A 271 23.18 0.42 -28.80
CA TYR A 271 22.28 1.46 -28.34
C TYR A 271 22.86 2.28 -27.20
N LEU A 272 23.01 3.57 -27.44
CA LEU A 272 23.50 4.51 -26.44
C LEU A 272 22.30 5.18 -25.77
N GLY A 273 22.08 4.78 -24.52
CA GLY A 273 20.99 5.32 -23.73
C GLY A 273 21.48 6.42 -22.83
N PHE A 274 20.70 6.66 -21.78
CA PHE A 274 21.04 7.66 -20.80
C PHE A 274 21.50 6.99 -19.53
N ALA A 275 22.68 7.38 -19.07
CA ALA A 275 23.23 6.87 -17.81
C ALA A 275 23.17 7.95 -16.75
N ILE A 276 23.40 7.59 -15.50
CA ILE A 276 23.27 8.48 -14.35
C ILE A 276 24.55 9.20 -14.02
N VAL A 277 24.44 10.51 -13.75
CA VAL A 277 25.51 11.23 -13.08
C VAL A 277 25.00 11.68 -11.71
N PRO A 278 25.59 11.13 -10.63
CA PRO A 278 25.14 11.48 -9.28
C PRO A 278 25.63 12.84 -8.88
N THR A 279 24.79 13.58 -8.18
CA THR A 279 25.11 14.96 -7.80
C THR A 279 24.30 15.29 -6.55
N THR A 280 24.36 16.56 -6.16
CA THR A 280 23.63 17.05 -5.02
C THR A 280 22.92 18.38 -5.33
N THR A 281 21.78 18.61 -4.68
CA THR A 281 20.97 19.82 -4.89
C THR A 281 21.54 21.03 -4.13
N SER A 282 20.73 22.08 -4.01
CA SER A 282 21.11 23.29 -3.30
C SER A 282 21.25 23.02 -1.81
N SER A 283 20.45 22.07 -1.30
CA SER A 283 20.57 21.54 0.05
C SER A 283 21.59 20.40 0.02
N GLY A 284 21.60 19.57 1.06
CA GLY A 284 22.50 18.42 1.11
C GLY A 284 22.02 17.22 0.31
N LYS A 285 20.81 17.32 -0.23
CA LYS A 285 20.06 16.19 -0.75
C LYS A 285 20.59 15.61 -2.09
N GLU A 286 20.31 14.33 -2.32
CA GLU A 286 20.79 13.62 -3.52
C GLU A 286 20.06 14.09 -4.78
N SER A 287 20.74 13.92 -5.91
CA SER A 287 20.15 14.21 -7.21
C SER A 287 20.86 13.40 -8.26
N PHE A 288 20.13 13.07 -9.31
CA PHE A 288 20.69 12.28 -10.39
C PHE A 288 20.24 12.81 -11.75
N ILE A 289 21.24 13.12 -12.55
CA ILE A 289 21.07 13.54 -13.90
C ILE A 289 21.18 12.34 -14.82
N TYR A 290 20.15 12.09 -15.62
CA TYR A 290 20.18 11.05 -16.63
C TYR A 290 20.46 11.74 -17.95
N CYS A 291 21.63 11.45 -18.52
CA CYS A 291 22.06 12.07 -19.78
C CYS A 291 22.80 11.06 -20.63
N ASN A 292 23.15 11.47 -21.86
CA ASN A 292 23.88 10.66 -22.83
C ASN A 292 24.95 9.87 -22.15
N ALA A 293 24.92 8.54 -22.36
CA ALA A 293 25.79 7.59 -21.66
C ALA A 293 27.26 7.91 -21.71
N ASP A 294 27.75 8.38 -22.87
CA ASP A 294 29.17 8.73 -23.04
C ASP A 294 29.53 10.00 -22.29
N HIS A 295 28.67 11.00 -22.37
CA HIS A 295 28.86 12.23 -21.62
C HIS A 295 28.74 12.00 -20.16
N ALA A 296 27.90 11.06 -19.77
CA ALA A 296 27.77 10.64 -18.38
C ALA A 296 29.08 10.05 -17.87
N LYS A 297 29.73 9.21 -18.69
CA LYS A 297 31.05 8.65 -18.39
C LYS A 297 32.12 9.75 -18.33
N ARG A 298 32.17 10.58 -19.36
CA ARG A 298 33.10 11.69 -19.47
C ARG A 298 33.04 12.60 -18.24
N LEU A 299 31.83 12.89 -17.77
CA LEU A 299 31.61 13.75 -16.60
C LEU A 299 32.00 13.03 -15.30
N LYS A 300 31.67 11.75 -15.20
CA LYS A 300 31.95 10.93 -14.03
C LYS A 300 33.44 10.63 -13.89
N VAL A 301 34.10 10.40 -15.03
CA VAL A 301 35.54 10.11 -15.07
C VAL A 301 36.33 11.35 -14.70
N SER A 302 35.93 12.48 -15.29
CA SER A 302 36.58 13.75 -15.14
C SER A 302 36.58 14.22 -13.68
N ARG A 303 35.88 13.48 -12.82
CA ARG A 303 35.90 13.73 -11.39
C ARG A 303 36.98 12.83 -10.76
N ASP A 304 38.23 13.31 -10.82
CA ASP A 304 39.38 12.63 -10.22
C ASP A 304 40.47 13.64 -9.80
N GLN A 305 41.54 13.16 -9.16
CA GLN A 305 42.47 14.03 -8.41
C GLN A 305 43.86 14.25 -9.01
N ALA A 306 44.22 15.52 -9.16
CA ALA A 306 45.45 15.96 -9.82
C ALA A 306 46.67 15.79 -8.92
N SER A 307 47.85 16.10 -9.46
CA SER A 307 49.15 15.91 -8.79
C SER A 307 49.22 16.63 -7.43
N GLN B 35 -34.32 -8.87 -3.06
CA GLN B 35 -33.61 -7.78 -3.79
C GLN B 35 -32.26 -7.28 -3.22
N ILE B 36 -31.24 -7.36 -4.05
CA ILE B 36 -29.96 -6.69 -3.81
C ILE B 36 -30.00 -5.32 -4.48
N PRO B 37 -29.90 -4.24 -3.71
CA PRO B 37 -29.79 -2.93 -4.39
C PRO B 37 -28.38 -2.88 -5.01
N LEU B 38 -28.26 -3.14 -6.31
CA LEU B 38 -26.92 -3.31 -6.88
C LEU B 38 -26.64 -2.08 -7.70
N LEU B 39 -25.48 -1.48 -7.50
CA LEU B 39 -25.13 -0.36 -8.27
C LEU B 39 -24.77 -0.78 -9.70
N GLU B 40 -25.37 -0.14 -10.69
CA GLU B 40 -24.91 -0.28 -12.07
C GLU B 40 -23.45 0.07 -12.13
N GLY B 41 -22.68 -0.80 -12.76
CA GLY B 41 -21.28 -0.55 -13.02
C GLY B 41 -20.88 -1.15 -14.35
N GLU B 42 -19.74 -0.75 -14.89
CA GLU B 42 -19.24 -1.33 -16.13
C GLU B 42 -18.11 -2.28 -15.79
N THR B 43 -18.04 -3.39 -16.52
CA THR B 43 -17.06 -4.44 -16.24
C THR B 43 -15.89 -4.38 -17.19
N ASP B 44 -14.68 -4.24 -16.64
CA ASP B 44 -13.44 -4.35 -17.42
C ASP B 44 -13.09 -5.83 -17.56
N ASN B 45 -11.97 -6.11 -18.22
CA ASN B 45 -11.53 -7.49 -18.40
C ASN B 45 -10.57 -8.00 -17.32
N TYR B 46 -10.29 -7.16 -16.32
CA TYR B 46 -9.39 -7.53 -15.21
C TYR B 46 -10.13 -7.65 -13.90
N ASP B 47 -11.35 -8.18 -13.99
CA ASP B 47 -12.21 -8.51 -12.85
C ASP B 47 -12.49 -7.32 -11.94
N GLY B 48 -12.71 -6.17 -12.57
CA GLY B 48 -12.95 -4.92 -11.88
C GLY B 48 -14.27 -4.32 -12.31
N VAL B 49 -14.83 -3.50 -11.43
CA VAL B 49 -16.06 -2.77 -11.77
C VAL B 49 -15.91 -1.28 -11.50
N THR B 50 -16.39 -0.48 -12.45
CA THR B 50 -16.32 0.97 -12.36
C THR B 50 -17.73 1.52 -12.26
N VAL B 51 -17.99 2.25 -11.18
CA VAL B 51 -19.28 2.84 -10.94
C VAL B 51 -19.16 4.35 -11.17
N THR B 52 -20.02 4.87 -12.05
CA THR B 52 -20.06 6.29 -12.31
C THR B 52 -21.40 6.83 -11.84
N MET B 53 -21.37 7.59 -10.75
CA MET B 53 -22.58 8.11 -10.16
C MET B 53 -22.97 9.39 -10.87
N VAL B 54 -24.21 9.45 -11.35
CA VAL B 54 -24.65 10.52 -12.23
C VAL B 54 -25.86 11.27 -11.70
N GLU B 55 -26.60 10.62 -10.81
CA GLU B 55 -27.82 11.20 -10.25
C GLU B 55 -27.68 11.30 -8.74
N PRO B 56 -28.38 12.25 -8.11
CA PRO B 56 -28.29 12.39 -6.66
C PRO B 56 -28.91 11.20 -5.92
N MET B 57 -28.25 10.77 -4.86
CA MET B 57 -28.69 9.68 -4.02
C MET B 57 -28.45 10.11 -2.56
N ASP B 58 -29.44 9.85 -1.73
CA ASP B 58 -29.33 9.98 -0.30
C ASP B 58 -28.13 9.16 0.19
N SER B 59 -27.33 9.74 1.07
CA SER B 59 -26.06 9.09 1.45
C SER B 59 -26.26 7.79 2.22
N GLU B 60 -27.34 7.73 3.02
CA GLU B 60 -27.71 6.52 3.74
C GLU B 60 -28.04 5.43 2.75
N VAL B 61 -28.83 5.76 1.72
CA VAL B 61 -29.26 4.82 0.68
C VAL B 61 -28.06 4.29 -0.07
N PHE B 62 -27.16 5.19 -0.43
CA PHE B 62 -25.90 4.87 -1.06
C PHE B 62 -25.09 3.90 -0.24
N THR B 63 -25.01 4.12 1.08
CA THR B 63 -24.24 3.25 2.01
C THR B 63 -24.76 1.83 1.95
N GLU B 64 -26.07 1.71 2.07
CA GLU B 64 -26.78 0.47 2.05
C GLU B 64 -26.53 -0.23 0.72
N SER B 65 -26.61 0.55 -0.35
CA SER B 65 -26.48 0.06 -1.68
C SER B 65 -25.03 -0.32 -1.98
N LEU B 66 -24.08 0.43 -1.41
CA LEU B 66 -22.68 0.13 -1.63
C LEU B 66 -22.25 -1.10 -0.87
N ARG B 67 -22.71 -1.25 0.38
CA ARG B 67 -22.37 -2.44 1.20
C ARG B 67 -22.90 -3.71 0.52
N ALA B 68 -24.14 -3.65 0.05
CA ALA B 68 -24.76 -4.76 -0.70
C ALA B 68 -23.93 -5.04 -1.96
N SER B 69 -23.64 -3.99 -2.72
CA SER B 69 -22.87 -4.15 -3.94
C SER B 69 -21.52 -4.81 -3.69
N LEU B 70 -20.79 -4.32 -2.68
CA LEU B 70 -19.46 -4.83 -2.36
C LEU B 70 -19.50 -6.33 -2.03
N SER B 71 -20.63 -6.77 -1.45
CA SER B 71 -20.81 -8.17 -1.10
C SER B 71 -21.03 -9.02 -2.35
N HIS B 72 -21.90 -8.56 -3.24
CA HIS B 72 -22.19 -9.26 -4.46
C HIS B 72 -20.97 -9.36 -5.33
N TRP B 73 -20.19 -8.29 -5.35
CA TRP B 73 -18.97 -8.25 -6.14
C TRP B 73 -17.95 -9.21 -5.61
N ARG B 74 -17.83 -9.26 -4.29
CA ARG B 74 -16.88 -10.16 -3.63
C ARG B 74 -17.21 -11.62 -4.04
N GLU B 75 -18.49 -11.97 -4.01
CA GLU B 75 -18.98 -13.26 -4.47
C GLU B 75 -18.82 -13.46 -5.98
N GLU B 76 -19.00 -12.39 -6.74
CA GLU B 76 -18.93 -12.45 -8.20
C GLU B 76 -17.46 -12.58 -8.68
N GLY B 77 -16.50 -12.40 -7.77
CA GLY B 77 -15.08 -12.50 -8.08
C GLY B 77 -14.37 -11.23 -8.51
N LYS B 78 -14.89 -10.08 -8.09
CA LYS B 78 -14.35 -8.78 -8.53
C LYS B 78 -13.20 -8.32 -7.64
N LYS B 79 -12.21 -7.71 -8.27
CA LYS B 79 -10.94 -7.38 -7.61
C LYS B 79 -10.79 -5.90 -7.29
N GLY B 80 -10.97 -5.04 -8.29
CA GLY B 80 -10.81 -3.60 -8.10
C GLY B 80 -12.12 -2.89 -8.34
N ILE B 81 -12.60 -2.14 -7.32
CA ILE B 81 -13.84 -1.41 -7.44
C ILE B 81 -13.57 0.06 -7.51
N TRP B 82 -14.03 0.69 -8.59
CA TRP B 82 -13.81 2.11 -8.81
C TRP B 82 -15.08 2.89 -8.74
N ILE B 83 -15.10 3.90 -7.87
CA ILE B 83 -16.22 4.83 -7.79
C ILE B 83 -15.84 6.24 -8.25
N LYS B 84 -16.53 6.71 -9.28
CA LYS B 84 -16.30 8.04 -9.80
C LYS B 84 -17.41 8.92 -9.32
N LEU B 85 -17.06 9.89 -8.47
CA LEU B 85 -18.03 10.80 -7.90
C LEU B 85 -17.77 12.21 -8.44
N PRO B 86 -18.70 12.73 -9.24
CA PRO B 86 -18.67 14.14 -9.64
C PRO B 86 -18.71 15.09 -8.45
N LEU B 87 -18.12 16.26 -8.64
CA LEU B 87 -18.06 17.29 -7.63
C LEU B 87 -19.43 17.53 -6.98
N GLY B 88 -20.50 17.61 -7.77
CA GLY B 88 -21.81 17.91 -7.25
C GLY B 88 -22.42 16.80 -6.42
N LEU B 89 -21.87 15.58 -6.49
CA LEU B 89 -22.34 14.49 -5.66
C LEU B 89 -21.35 14.20 -4.53
N ALA B 90 -20.71 15.26 -4.03
CA ALA B 90 -19.76 15.18 -2.93
C ALA B 90 -20.38 14.77 -1.60
N ASN B 91 -21.70 14.70 -1.52
CA ASN B 91 -22.37 14.19 -0.28
C ASN B 91 -22.13 12.68 -0.06
N LEU B 92 -21.64 12.01 -1.11
CA LEU B 92 -21.40 10.57 -1.07
C LEU B 92 -19.97 10.23 -0.72
N VAL B 93 -19.09 11.23 -0.78
CA VAL B 93 -17.66 10.97 -0.60
C VAL B 93 -17.37 10.27 0.74
N GLU B 94 -17.85 10.86 1.85
CA GLU B 94 -17.65 10.25 3.18
C GLU B 94 -18.16 8.81 3.27
N ALA B 95 -19.37 8.59 2.73
CA ALA B 95 -19.96 7.25 2.69
C ALA B 95 -19.02 6.24 2.02
N ALA B 96 -18.52 6.58 0.83
CA ALA B 96 -17.57 5.71 0.11
C ALA B 96 -16.33 5.42 0.92
N VAL B 97 -15.72 6.48 1.44
CA VAL B 97 -14.53 6.38 2.29
C VAL B 97 -14.78 5.45 3.47
N SER B 98 -15.91 5.65 4.18
CA SER B 98 -16.32 4.75 5.29
C SER B 98 -16.33 3.27 4.93
N GLU B 99 -16.60 2.95 3.67
CA GLU B 99 -16.67 1.56 3.23
C GLU B 99 -15.36 1.05 2.69
N GLY B 100 -14.27 1.79 2.94
CA GLY B 100 -12.92 1.28 2.67
C GLY B 100 -12.35 1.71 1.35
N PHE B 101 -12.90 2.80 0.82
CA PHE B 101 -12.47 3.37 -0.42
C PHE B 101 -11.46 4.48 -0.15
N ARG B 102 -10.43 4.55 -0.99
CA ARG B 102 -9.40 5.56 -0.81
C ARG B 102 -9.30 6.36 -2.11
N TYR B 103 -8.72 7.56 -2.03
CA TYR B 103 -8.64 8.45 -3.18
C TYR B 103 -7.63 7.96 -4.23
N HIS B 104 -8.04 7.98 -5.48
CA HIS B 104 -7.15 7.56 -6.55
C HIS B 104 -6.75 8.66 -7.49
N HIS B 105 -7.72 9.45 -7.93
CA HIS B 105 -7.49 10.53 -8.87
C HIS B 105 -8.60 11.53 -8.77
N ALA B 106 -8.24 12.80 -8.88
CA ALA B 106 -9.21 13.88 -8.91
C ALA B 106 -8.93 14.89 -10.01
N GLU B 107 -9.98 15.20 -10.74
CA GLU B 107 -10.01 16.30 -11.66
C GLU B 107 -10.90 17.33 -10.98
N PRO B 108 -10.84 18.60 -11.44
CA PRO B 108 -11.70 19.63 -10.85
C PRO B 108 -13.15 19.18 -10.70
N GLU B 109 -13.62 18.36 -11.63
CA GLU B 109 -15.05 18.07 -11.73
C GLU B 109 -15.49 16.72 -11.10
N TYR B 110 -14.54 15.90 -10.69
CA TYR B 110 -14.88 14.59 -10.10
C TYR B 110 -13.79 14.01 -9.22
N LEU B 111 -14.19 13.08 -8.36
CA LEU B 111 -13.28 12.29 -7.57
C LEU B 111 -13.39 10.83 -7.96
N MET B 112 -12.26 10.20 -8.26
CA MET B 112 -12.23 8.77 -8.54
C MET B 112 -11.69 8.08 -7.31
N LEU B 113 -12.42 7.08 -6.83
CA LEU B 113 -12.04 6.36 -5.63
C LEU B 113 -11.90 4.89 -5.98
N VAL B 114 -11.05 4.21 -5.23
CA VAL B 114 -10.82 2.81 -5.45
C VAL B 114 -10.83 2.06 -4.14
N SER B 115 -11.20 0.79 -4.22
CA SER B 115 -11.04 -0.14 -3.14
C SER B 115 -10.75 -1.51 -3.74
N TRP B 116 -9.83 -2.24 -3.14
CA TRP B 116 -9.52 -3.59 -3.56
C TRP B 116 -10.13 -4.58 -2.63
N ILE B 117 -11.01 -5.42 -3.15
CA ILE B 117 -11.88 -6.26 -2.31
C ILE B 117 -11.57 -7.76 -2.37
N SER B 118 -10.55 -8.12 -3.13
CA SER B 118 -10.12 -9.52 -3.25
C SER B 118 -9.01 -9.83 -2.25
N GLU B 119 -8.87 -11.12 -1.92
CA GLU B 119 -7.87 -11.60 -0.97
C GLU B 119 -6.45 -11.55 -1.51
N THR B 120 -6.31 -11.70 -2.83
CA THR B 120 -5.01 -11.68 -3.50
C THR B 120 -4.29 -10.34 -3.30
N PRO B 121 -2.96 -10.27 -3.53
CA PRO B 121 -2.27 -8.99 -3.28
C PRO B 121 -2.85 -7.83 -4.11
N ASP B 122 -2.95 -6.66 -3.48
CA ASP B 122 -3.48 -5.48 -4.14
C ASP B 122 -2.71 -5.14 -5.41
N THR B 123 -3.43 -5.05 -6.52
CA THR B 123 -2.83 -4.87 -7.85
C THR B 123 -2.84 -3.42 -8.33
N ILE B 124 -3.83 -2.64 -7.87
CA ILE B 124 -3.98 -1.25 -8.33
C ILE B 124 -2.68 -0.46 -8.18
N PRO B 125 -2.33 0.35 -9.20
CA PRO B 125 -1.22 1.28 -9.02
C PRO B 125 -1.61 2.31 -7.98
N ALA B 126 -0.70 2.58 -7.03
CA ALA B 126 -0.90 3.69 -6.11
C ALA B 126 -0.64 4.95 -6.92
N ASN B 127 -1.36 6.02 -6.62
CA ASN B 127 -1.06 7.30 -7.23
C ASN B 127 0.12 7.94 -6.51
N ALA B 128 1.31 7.44 -6.82
CA ALA B 128 2.56 8.01 -6.38
C ALA B 128 3.04 8.93 -7.51
N SER B 129 2.97 10.23 -7.25
CA SER B 129 3.29 11.26 -8.24
C SER B 129 4.56 12.03 -7.97
N HIS B 130 5.13 12.54 -9.05
CA HIS B 130 6.27 13.43 -8.97
C HIS B 130 5.90 14.66 -9.69
N VAL B 131 6.27 15.83 -9.17
CA VAL B 131 6.11 17.06 -9.93
C VAL B 131 7.05 17.09 -11.13
N VAL B 132 6.54 17.47 -12.30
CA VAL B 132 7.33 17.46 -13.52
C VAL B 132 7.56 18.84 -14.13
N GLY B 133 8.82 19.15 -14.38
CA GLY B 133 9.21 20.42 -14.97
C GLY B 133 10.02 20.27 -16.25
N ALA B 134 10.15 21.37 -17.00
CA ALA B 134 10.98 21.38 -18.19
C ALA B 134 11.70 22.68 -18.36
N GLY B 135 12.93 22.61 -18.85
CA GLY B 135 13.70 23.79 -19.18
C GLY B 135 13.97 23.87 -20.67
N ALA B 136 13.94 25.09 -21.19
CA ALA B 136 14.08 25.31 -22.62
C ALA B 136 15.44 25.93 -22.97
N LEU B 137 16.27 25.16 -23.67
CA LEU B 137 17.50 25.71 -24.20
C LEU B 137 17.19 26.08 -25.63
N VAL B 138 17.01 27.37 -25.85
CA VAL B 138 16.67 27.88 -27.17
C VAL B 138 17.90 28.50 -27.82
N ILE B 139 18.51 27.77 -28.76
CA ILE B 139 19.78 28.22 -29.34
C ILE B 139 19.60 29.03 -30.60
N ASN B 140 20.11 30.25 -30.58
CA ASN B 140 20.36 31.03 -31.80
C ASN B 140 21.62 30.49 -32.47
N LYS B 141 21.44 29.87 -33.64
CA LYS B 141 22.53 29.14 -34.30
C LYS B 141 23.56 30.05 -34.94
N ASN B 142 23.20 31.32 -35.12
CA ASN B 142 24.09 32.31 -35.72
C ASN B 142 25.24 32.72 -34.83
N THR B 143 24.95 33.10 -33.58
CA THR B 143 25.98 33.61 -32.68
C THR B 143 26.10 32.88 -31.34
N LYS B 144 25.67 31.62 -31.31
CA LYS B 144 25.72 30.79 -30.12
C LYS B 144 25.08 31.44 -28.89
N GLU B 145 23.91 32.03 -29.08
CA GLU B 145 23.18 32.66 -27.96
C GLU B 145 21.94 31.87 -27.57
N VAL B 146 21.55 31.98 -26.30
CA VAL B 146 20.33 31.31 -25.81
C VAL B 146 19.34 32.24 -25.14
N LEU B 147 18.08 31.89 -25.23
CA LEU B 147 17.02 32.67 -24.61
C LEU B 147 17.07 32.48 -23.09
N VAL B 148 17.11 33.60 -22.35
CA VAL B 148 17.12 33.60 -20.89
C VAL B 148 16.17 34.62 -20.29
N VAL B 149 15.69 34.35 -19.08
CA VAL B 149 14.69 35.19 -18.42
C VAL B 149 15.11 35.56 -16.99
N GLN B 150 14.57 36.65 -16.47
CA GLN B 150 14.78 37.03 -15.09
C GLN B 150 13.43 36.97 -14.37
N GLU B 151 13.37 36.20 -13.29
CA GLU B 151 12.09 35.89 -12.66
C GLU B 151 12.04 36.27 -11.18
N ASP B 158 17.73 29.05 -11.92
CA ASP B 158 17.36 28.85 -10.52
C ASP B 158 18.44 29.45 -9.62
N LYS B 159 18.16 30.60 -9.00
CA LYS B 159 19.17 31.42 -8.30
C LYS B 159 20.30 31.99 -9.18
N ASN B 160 20.26 31.71 -10.47
CA ASN B 160 20.95 32.51 -11.47
C ASN B 160 20.13 33.75 -11.72
N VAL B 161 20.79 34.85 -12.05
CA VAL B 161 20.11 36.09 -12.40
C VAL B 161 19.33 35.83 -13.68
N TRP B 162 19.88 35.01 -14.57
CA TRP B 162 19.31 34.72 -15.87
C TRP B 162 19.17 33.24 -16.05
N LYS B 163 17.96 32.73 -15.90
CA LYS B 163 17.74 31.31 -16.07
C LYS B 163 17.15 31.01 -17.42
N LEU B 164 17.27 29.76 -17.84
CA LEU B 164 16.56 29.26 -19.02
C LEU B 164 15.05 29.32 -18.77
N PRO B 165 14.25 29.44 -19.86
CA PRO B 165 12.79 29.38 -19.68
C PRO B 165 12.41 28.02 -19.13
N THR B 166 11.77 28.01 -17.97
CA THR B 166 11.35 26.77 -17.32
C THR B 166 9.94 26.91 -16.77
N GLY B 167 9.21 25.81 -16.80
CA GLY B 167 7.93 25.73 -16.13
C GLY B 167 7.57 24.30 -15.77
N VAL B 168 6.32 24.12 -15.33
CA VAL B 168 5.79 22.79 -15.08
C VAL B 168 5.12 22.23 -16.33
N ILE B 169 5.16 20.92 -16.48
CA ILE B 169 4.42 20.22 -17.48
C ILE B 169 3.18 19.70 -16.76
N ASN B 170 2.02 20.15 -17.24
CA ASN B 170 0.73 19.73 -16.69
C ASN B 170 0.53 18.22 -16.87
N GLU B 171 -0.22 17.63 -15.94
CA GLU B 171 -0.65 16.26 -16.07
C GLU B 171 -1.51 16.16 -17.32
N GLY B 172 -1.15 15.26 -18.24
CA GLY B 172 -1.88 15.14 -19.49
C GLY B 172 -1.12 15.75 -20.66
N GLU B 173 -0.01 16.44 -20.37
CA GLU B 173 0.65 17.29 -21.37
C GLU B 173 1.97 16.69 -21.80
N ASP B 174 2.19 16.65 -23.12
CA ASP B 174 3.47 16.21 -23.68
C ASP B 174 4.61 17.16 -23.29
N ILE B 175 5.76 16.59 -22.92
CA ILE B 175 6.95 17.36 -22.59
C ILE B 175 7.33 18.23 -23.79
N TRP B 176 7.35 17.66 -25.00
CA TRP B 176 7.82 18.37 -26.19
C TRP B 176 6.90 19.50 -26.61
N THR B 177 5.64 19.41 -26.21
CA THR B 177 4.64 20.45 -26.43
C THR B 177 4.69 21.46 -25.29
N GLY B 178 4.86 20.98 -24.06
CA GLY B 178 4.84 21.82 -22.86
C GLY B 178 6.05 22.75 -22.74
N VAL B 179 7.22 22.26 -23.09
CA VAL B 179 8.42 23.09 -23.07
C VAL B 179 8.30 24.23 -24.09
N ALA B 180 7.71 23.93 -25.25
CA ALA B 180 7.56 24.93 -26.30
C ALA B 180 6.50 25.97 -25.88
N ARG B 181 5.46 25.50 -25.21
CA ARG B 181 4.40 26.36 -24.67
C ARG B 181 4.99 27.39 -23.70
N GLU B 182 5.83 26.92 -22.77
CA GLU B 182 6.50 27.79 -21.83
C GLU B 182 7.32 28.88 -22.53
N VAL B 183 7.99 28.55 -23.63
CA VAL B 183 8.75 29.53 -24.40
C VAL B 183 7.84 30.64 -24.93
N GLU B 184 6.77 30.27 -25.63
CA GLU B 184 5.82 31.25 -26.18
C GLU B 184 5.21 32.13 -25.12
N GLU B 185 4.73 31.50 -24.04
CA GLU B 185 4.04 32.20 -22.95
C GLU B 185 4.92 33.21 -22.22
N GLU B 186 6.23 32.95 -22.21
CA GLU B 186 7.17 33.80 -21.51
C GLU B 186 7.85 34.84 -22.41
N THR B 187 8.10 34.51 -23.68
CA THR B 187 8.92 35.36 -24.58
C THR B 187 8.24 35.76 -25.88
N GLY B 188 7.22 35.01 -26.28
CA GLY B 188 6.55 35.28 -27.55
C GLY B 188 7.17 34.49 -28.67
N ILE B 189 8.33 33.90 -28.38
CA ILE B 189 9.12 33.16 -29.35
C ILE B 189 8.47 31.82 -29.62
N ILE B 190 8.22 31.56 -30.91
CA ILE B 190 7.75 30.27 -31.35
C ILE B 190 8.96 29.40 -31.62
N ALA B 191 9.08 28.32 -30.85
CA ALA B 191 10.27 27.47 -30.89
C ALA B 191 9.87 26.01 -31.04
N ASP B 192 10.66 25.25 -31.80
CA ASP B 192 10.39 23.85 -32.06
C ASP B 192 11.28 22.98 -31.19
N PHE B 193 10.71 21.90 -30.67
CA PHE B 193 11.42 20.95 -29.84
C PHE B 193 12.32 20.05 -30.71
N VAL B 194 13.61 19.95 -30.34
CA VAL B 194 14.55 19.12 -31.07
C VAL B 194 14.88 17.84 -30.30
N GLU B 195 15.34 17.99 -29.05
CA GLU B 195 15.75 16.86 -28.22
C GLU B 195 15.58 17.11 -26.73
N VAL B 196 15.40 16.02 -25.97
CA VAL B 196 15.65 16.04 -24.52
C VAL B 196 17.14 15.79 -24.33
N LEU B 197 17.80 16.74 -23.71
CA LEU B 197 19.23 16.60 -23.47
C LEU B 197 19.50 15.77 -22.25
N ALA B 198 18.66 15.89 -21.24
CA ALA B 198 18.89 15.28 -19.93
C ALA B 198 17.59 15.41 -19.15
N PHE B 199 17.41 14.51 -18.19
CA PHE B 199 16.38 14.72 -17.19
C PHE B 199 16.89 14.44 -15.78
N ARG B 200 16.27 15.09 -14.81
CA ARG B 200 16.82 15.09 -13.45
C ARG B 200 15.77 14.76 -12.41
N GLN B 201 16.12 13.82 -11.53
CA GLN B 201 15.33 13.55 -10.34
C GLN B 201 16.06 14.11 -9.11
N SER B 202 15.48 15.10 -8.43
CA SER B 202 16.04 15.55 -7.14
C SER B 202 15.12 15.16 -5.97
N HIS B 203 15.70 15.00 -4.78
CA HIS B 203 14.95 14.91 -3.52
C HIS B 203 14.79 16.30 -2.95
N LYS B 204 13.68 16.57 -2.28
CA LYS B 204 13.36 17.97 -1.96
C LYS B 204 13.70 18.48 -0.56
N ALA B 205 13.23 19.70 -0.27
CA ALA B 205 13.73 20.52 0.83
C ALA B 205 13.43 19.96 2.24
N ILE B 206 14.15 18.88 2.60
CA ILE B 206 14.05 18.22 3.92
C ILE B 206 12.60 17.89 4.33
N LEU B 207 11.63 18.20 3.47
CA LEU B 207 10.22 18.14 3.88
C LEU B 207 9.74 16.72 4.16
N LYS B 208 10.12 15.81 3.28
CA LYS B 208 9.69 14.40 3.32
C LYS B 208 10.24 13.57 2.16
N LYS B 209 9.67 12.39 2.00
CA LYS B 209 9.81 11.60 0.80
C LYS B 209 9.14 12.35 -0.36
N LYS B 210 9.92 13.15 -1.08
CA LYS B 210 9.47 13.72 -2.35
C LYS B 210 10.63 13.75 -3.30
N THR B 211 10.34 13.59 -4.58
CA THR B 211 11.38 13.72 -5.58
C THR B 211 10.85 14.47 -6.80
N ASP B 212 11.71 15.31 -7.36
CA ASP B 212 11.44 16.14 -8.53
C ASP B 212 11.68 15.37 -9.81
N MET B 213 11.01 15.79 -10.88
CA MET B 213 11.37 15.36 -12.21
C MET B 213 11.49 16.60 -13.11
N PHE B 214 12.62 16.75 -13.78
CA PHE B 214 12.87 17.94 -14.58
C PHE B 214 13.54 17.56 -15.91
N PHE B 215 12.97 17.98 -17.04
CA PHE B 215 13.53 17.70 -18.35
C PHE B 215 14.20 18.93 -19.00
N LEU B 216 15.52 18.88 -19.20
CA LEU B 216 16.21 19.89 -20.04
C LEU B 216 15.98 19.52 -21.48
N CYS B 217 15.46 20.47 -22.25
CA CYS B 217 15.15 20.27 -23.66
C CYS B 217 15.85 21.32 -24.53
N VAL B 218 16.18 20.93 -25.77
CA VAL B 218 16.77 21.86 -26.71
C VAL B 218 15.76 22.16 -27.81
N LEU B 219 15.65 23.45 -28.15
CA LEU B 219 14.63 23.90 -29.09
C LEU B 219 15.22 24.81 -30.15
N SER B 220 14.73 24.67 -31.36
CA SER B 220 15.14 25.50 -32.46
C SER B 220 14.15 26.67 -32.66
N PRO B 221 14.64 27.92 -32.55
CA PRO B 221 13.79 29.11 -32.71
C PRO B 221 13.39 29.41 -34.15
N ARG B 222 12.16 29.91 -34.33
CA ARG B 222 11.66 30.33 -35.62
C ARG B 222 11.95 31.82 -35.85
N SER B 223 11.66 32.64 -34.85
CA SER B 223 12.03 34.08 -34.86
C SER B 223 12.94 34.37 -33.69
N TYR B 224 13.63 35.52 -33.75
CA TYR B 224 14.54 35.93 -32.70
C TYR B 224 14.02 37.14 -31.92
N ASP B 225 12.76 37.55 -32.15
CA ASP B 225 12.23 38.77 -31.55
C ASP B 225 11.37 38.53 -30.31
N ILE B 226 11.91 38.93 -29.16
CA ILE B 226 11.23 38.78 -27.88
C ILE B 226 10.19 39.88 -27.70
N THR B 227 8.93 39.48 -27.57
CA THR B 227 7.87 40.42 -27.29
C THR B 227 7.56 40.45 -25.79
N GLU B 228 7.28 41.64 -25.27
CA GLU B 228 6.85 41.81 -23.89
C GLU B 228 5.56 41.03 -23.66
N GLN B 229 5.52 40.24 -22.59
CA GLN B 229 4.43 39.30 -22.38
C GLN B 229 3.70 39.55 -21.06
N LYS B 230 2.40 39.23 -21.02
CA LYS B 230 1.65 39.28 -19.76
C LYS B 230 1.99 38.01 -18.99
N SER B 231 3.16 38.03 -18.34
CA SER B 231 3.76 36.84 -17.74
C SER B 231 4.60 37.20 -16.50
N GLU B 232 4.80 36.23 -15.62
CA GLU B 232 5.50 36.44 -14.34
C GLU B 232 6.96 36.91 -14.47
N ILE B 233 7.60 36.61 -15.60
CA ILE B 233 8.99 37.03 -15.79
C ILE B 233 9.09 38.55 -15.89
N LEU B 234 10.23 39.07 -15.45
CA LEU B 234 10.48 40.49 -15.47
C LEU B 234 11.03 40.90 -16.81
N GLN B 235 11.93 40.10 -17.39
CA GLN B 235 12.51 40.39 -18.70
C GLN B 235 13.14 39.14 -19.29
N ALA B 236 13.36 39.16 -20.60
CA ALA B 236 14.10 38.13 -21.30
C ALA B 236 15.08 38.78 -22.25
N LYS B 237 16.19 38.10 -22.50
CA LYS B 237 17.16 38.53 -23.49
C LYS B 237 17.90 37.32 -24.09
N TRP B 238 18.66 37.58 -25.14
CA TRP B 238 19.58 36.61 -25.70
C TRP B 238 20.92 36.77 -25.05
N MET B 239 21.53 35.65 -24.68
CA MET B 239 22.73 35.66 -23.89
C MET B 239 23.70 34.62 -24.46
N PRO B 240 24.97 35.04 -24.68
CA PRO B 240 25.96 34.11 -25.21
C PRO B 240 26.12 32.94 -24.27
N ILE B 241 26.14 31.75 -24.83
CA ILE B 241 26.25 30.54 -24.05
C ILE B 241 27.33 30.59 -22.99
N GLN B 242 28.45 31.23 -23.33
CA GLN B 242 29.60 31.24 -22.44
C GLN B 242 29.31 32.06 -21.19
N GLU B 243 28.67 33.21 -21.37
CA GLU B 243 28.30 34.06 -20.25
C GLU B 243 27.25 33.40 -19.34
N TYR B 244 26.36 32.59 -19.93
CA TYR B 244 25.39 31.83 -19.17
C TYR B 244 26.08 30.78 -18.32
N VAL B 245 27.03 30.08 -18.94
CA VAL B 245 27.77 29.04 -18.24
C VAL B 245 28.55 29.66 -17.06
N ASP B 246 29.24 30.77 -17.33
CA ASP B 246 30.16 31.37 -16.34
C ASP B 246 29.45 32.16 -15.22
N GLN B 247 28.14 32.05 -15.13
CA GLN B 247 27.41 32.67 -14.03
C GLN B 247 27.75 32.01 -12.68
N PRO B 248 27.99 32.84 -11.63
CA PRO B 248 28.36 32.39 -10.29
C PRO B 248 27.63 31.11 -9.88
N TRP B 249 26.30 31.10 -9.97
CA TRP B 249 25.53 29.93 -9.51
C TRP B 249 25.75 28.67 -10.32
N ASN B 250 25.89 28.81 -11.64
CA ASN B 250 26.25 27.70 -12.50
C ASN B 250 27.67 27.19 -12.28
N LYS B 251 28.53 28.07 -11.76
CA LYS B 251 29.90 27.68 -11.38
C LYS B 251 29.99 27.19 -9.94
N LYS B 252 29.13 27.71 -9.08
CA LYS B 252 29.18 27.45 -7.65
C LYS B 252 28.77 26.02 -7.27
N ASN B 253 27.61 25.54 -7.76
CA ASN B 253 27.16 24.19 -7.40
C ASN B 253 27.19 23.17 -8.57
N GLU B 254 27.54 21.94 -8.23
CA GLU B 254 27.85 20.86 -9.19
C GLU B 254 26.71 20.54 -10.17
N MET B 255 25.50 20.51 -9.63
CA MET B 255 24.34 20.09 -10.40
C MET B 255 24.07 21.01 -11.61
N PHE B 256 23.99 22.31 -11.36
CA PHE B 256 23.79 23.29 -12.43
C PHE B 256 25.00 23.43 -13.34
N LYS B 257 26.19 23.15 -12.81
CA LYS B 257 27.39 23.07 -13.60
C LYS B 257 27.29 21.97 -14.66
N PHE B 258 26.75 20.81 -14.28
CA PHE B 258 26.56 19.69 -15.23
C PHE B 258 25.49 19.95 -16.28
N MET B 259 24.38 20.54 -15.84
CA MET B 259 23.30 20.89 -16.74
C MET B 259 23.78 21.95 -17.73
N ALA B 260 24.49 22.94 -17.20
CA ALA B 260 25.00 24.02 -18.03
C ALA B 260 26.04 23.53 -19.02
N ASN B 261 26.84 22.56 -18.57
CA ASN B 261 27.84 21.96 -19.44
C ASN B 261 27.20 21.25 -20.62
N ILE B 262 26.12 20.51 -20.34
CA ILE B 262 25.36 19.79 -21.36
C ILE B 262 24.84 20.77 -22.39
N CYS B 263 24.31 21.89 -21.91
CA CYS B 263 23.77 22.93 -22.77
C CYS B 263 24.86 23.48 -23.69
N GLN B 264 26.02 23.79 -23.10
CA GLN B 264 27.16 24.30 -23.87
C GLN B 264 27.62 23.34 -24.96
N LYS B 265 27.60 22.05 -24.64
CA LYS B 265 28.01 21.04 -25.60
C LYS B 265 27.05 20.88 -26.77
N LYS B 266 25.75 21.03 -26.51
CA LYS B 266 24.76 20.96 -27.58
C LYS B 266 24.88 22.18 -28.52
N CYS B 267 25.36 23.31 -27.97
CA CYS B 267 25.65 24.47 -28.80
C CYS B 267 26.84 24.21 -29.73
N GLU B 268 27.82 23.46 -29.24
CA GLU B 268 28.95 23.03 -30.06
C GLU B 268 28.59 21.94 -31.08
N GLU B 269 27.31 21.59 -31.12
CA GLU B 269 26.77 20.54 -32.00
C GLU B 269 27.50 19.21 -31.81
N GLU B 270 27.77 18.87 -30.56
CA GLU B 270 28.52 17.68 -30.21
C GLU B 270 27.79 16.76 -29.21
N TYR B 271 26.57 17.13 -28.87
CA TYR B 271 25.80 16.35 -27.90
C TYR B 271 24.66 15.59 -28.58
N LEU B 272 24.57 14.29 -28.31
CA LEU B 272 23.44 13.51 -28.80
C LEU B 272 22.49 13.21 -27.65
N GLY B 273 21.22 13.58 -27.83
CA GLY B 273 20.21 13.38 -26.80
C GLY B 273 19.10 12.44 -27.24
N PHE B 274 17.94 12.60 -26.61
CA PHE B 274 16.77 11.82 -26.96
C PHE B 274 15.82 12.65 -27.81
N ALA B 275 15.64 12.22 -29.06
CA ALA B 275 14.69 12.85 -29.97
C ALA B 275 13.38 12.11 -29.92
N ILE B 276 12.39 12.61 -30.66
CA ILE B 276 11.07 12.02 -30.69
C ILE B 276 10.73 11.25 -31.97
N VAL B 277 10.07 10.11 -31.79
CA VAL B 277 9.43 9.40 -32.89
C VAL B 277 8.00 9.04 -32.46
N PRO B 278 7.00 9.55 -33.21
CA PRO B 278 5.59 9.36 -32.87
C PRO B 278 5.08 7.98 -33.26
N THR B 279 4.13 7.47 -32.49
CA THR B 279 3.55 6.14 -32.70
C THR B 279 2.06 6.17 -32.39
N THR B 280 1.42 5.05 -32.68
CA THR B 280 0.04 4.81 -32.26
C THR B 280 -0.01 3.58 -31.34
N THR B 281 -0.65 3.73 -30.18
CA THR B 281 -1.03 2.57 -29.37
C THR B 281 -2.41 2.12 -29.86
N SER B 282 -2.94 1.05 -29.27
CA SER B 282 -4.19 0.46 -29.78
C SER B 282 -5.47 1.21 -29.39
N SER B 283 -5.65 1.45 -28.09
CA SER B 283 -6.86 2.03 -27.52
C SER B 283 -6.93 3.55 -27.63
N GLY B 284 -5.81 4.22 -27.35
CA GLY B 284 -5.61 5.63 -27.69
C GLY B 284 -4.52 5.67 -28.74
N LYS B 285 -4.67 6.51 -29.75
CA LYS B 285 -3.79 6.44 -30.93
C LYS B 285 -2.70 7.52 -31.10
N GLU B 286 -2.52 8.40 -30.11
CA GLU B 286 -1.53 9.49 -30.21
C GLU B 286 -0.41 9.31 -29.18
N SER B 287 0.79 8.90 -29.60
CA SER B 287 1.86 8.57 -28.65
C SER B 287 3.25 8.90 -29.16
N PHE B 288 4.16 9.22 -28.24
CA PHE B 288 5.52 9.63 -28.57
C PHE B 288 6.52 8.84 -27.74
N ILE B 289 7.53 8.30 -28.39
CA ILE B 289 8.63 7.72 -27.64
C ILE B 289 9.90 8.57 -27.78
N TYR B 290 10.42 8.99 -26.64
CA TYR B 290 11.70 9.69 -26.60
C TYR B 290 12.76 8.61 -26.47
N CYS B 291 13.64 8.56 -27.46
CA CYS B 291 14.72 7.58 -27.51
C CYS B 291 15.93 8.22 -28.18
N ASN B 292 17.04 7.48 -28.21
CA ASN B 292 18.30 7.97 -28.83
C ASN B 292 18.05 8.62 -30.18
N ALA B 293 18.56 9.84 -30.33
CA ALA B 293 18.27 10.69 -31.50
C ALA B 293 18.67 10.07 -32.85
N ASP B 294 19.74 9.29 -32.85
CA ASP B 294 20.16 8.59 -34.05
C ASP B 294 19.23 7.44 -34.40
N HIS B 295 18.75 6.73 -33.38
CA HIS B 295 17.73 5.71 -33.58
C HIS B 295 16.40 6.26 -33.96
N ALA B 296 16.05 7.40 -33.37
CA ALA B 296 14.83 8.11 -33.74
C ALA B 296 14.86 8.53 -35.21
N LYS B 297 16.01 9.01 -35.66
CA LYS B 297 16.24 9.39 -37.05
C LYS B 297 16.11 8.17 -37.96
N ARG B 298 16.68 7.04 -37.53
CA ARG B 298 16.64 5.80 -38.30
C ARG B 298 15.23 5.24 -38.46
N LEU B 299 14.49 5.23 -37.34
CA LEU B 299 13.12 4.72 -37.31
C LEU B 299 12.19 5.60 -38.15
N LYS B 300 12.43 6.91 -38.12
CA LYS B 300 11.66 7.85 -38.92
C LYS B 300 11.97 7.69 -40.41
N VAL B 301 13.25 7.53 -40.74
CA VAL B 301 13.68 7.27 -42.13
C VAL B 301 13.00 6.02 -42.69
N SER B 302 13.10 4.91 -41.94
CA SER B 302 12.58 3.62 -42.39
C SER B 302 11.07 3.63 -42.55
N ARG B 303 10.37 4.35 -41.67
CA ARG B 303 8.90 4.46 -41.72
C ARG B 303 8.44 5.32 -42.88
N ASP B 304 9.15 6.42 -43.12
CA ASP B 304 8.84 7.33 -44.22
C ASP B 304 9.10 6.66 -45.57
N GLN B 305 10.18 5.89 -45.63
CA GLN B 305 10.56 5.18 -46.86
C GLN B 305 9.79 3.87 -47.04
N ALA B 306 8.99 3.53 -46.04
CA ALA B 306 8.10 2.38 -46.08
C ALA B 306 6.72 2.76 -46.60
N SER B 307 6.36 4.04 -46.49
CA SER B 307 5.13 4.58 -47.06
C SER B 307 5.12 4.44 -48.58
N ALA B 308 6.31 4.54 -49.18
CA ALA B 308 6.51 4.18 -50.57
C ALA B 308 6.37 2.67 -50.76
N SER B 309 5.13 2.17 -50.76
CA SER B 309 4.81 0.78 -51.13
C SER B 309 3.77 0.81 -52.24
N LEU B 310 3.24 2.01 -52.52
CA LEU B 310 2.28 2.27 -53.62
C LEU B 310 2.41 1.25 -54.77
N GLN C 34 3.18 21.89 18.79
CA GLN C 34 2.64 22.23 20.15
C GLN C 34 2.88 21.02 21.09
N GLN C 35 1.80 20.33 21.40
CA GLN C 35 1.84 19.08 22.15
C GLN C 35 1.18 17.95 21.36
N ILE C 36 1.80 16.78 21.35
CA ILE C 36 1.18 15.60 20.76
C ILE C 36 0.35 14.96 21.87
N PRO C 37 -0.99 14.84 21.69
CA PRO C 37 -1.74 14.10 22.71
C PRO C 37 -1.47 12.62 22.50
N LEU C 38 -0.46 12.07 23.20
CA LEU C 38 -0.03 10.67 23.02
C LEU C 38 -0.73 9.79 24.04
N LEU C 39 -1.35 8.73 23.55
CA LEU C 39 -1.92 7.75 24.44
C LEU C 39 -0.83 7.01 25.23
N GLU C 40 -0.94 7.04 26.56
CA GLU C 40 -0.15 6.17 27.44
C GLU C 40 -0.35 4.74 27.01
N GLY C 41 0.76 4.07 26.81
CA GLY C 41 0.74 2.66 26.45
C GLY C 41 1.90 1.92 27.03
N GLU C 42 1.74 0.60 27.15
CA GLU C 42 2.78 -0.29 27.59
C GLU C 42 3.46 -0.91 26.37
N THR C 43 4.78 -0.79 26.30
CA THR C 43 5.55 -1.31 25.16
C THR C 43 5.75 -2.82 25.19
N ASP C 44 6.13 -3.36 24.04
CA ASP C 44 6.31 -4.79 23.83
C ASP C 44 7.76 -5.14 23.56
N ASN C 45 8.04 -6.44 23.64
CA ASN C 45 9.22 -7.02 23.05
C ASN C 45 8.97 -7.50 21.62
N TYR C 46 7.78 -7.19 21.11
CA TYR C 46 7.41 -7.46 19.72
C TYR C 46 7.27 -6.14 18.91
N ASP C 47 7.86 -5.07 19.42
CA ASP C 47 7.79 -3.73 18.80
C ASP C 47 6.40 -3.11 18.75
N GLY C 48 5.62 -3.38 19.80
CA GLY C 48 4.23 -3.00 19.80
C GLY C 48 3.86 -2.28 21.06
N VAL C 49 2.61 -1.84 21.13
CA VAL C 49 2.18 -1.05 22.29
C VAL C 49 0.73 -1.31 22.61
N THR C 50 0.46 -1.50 23.90
CA THR C 50 -0.89 -1.82 24.37
C THR C 50 -1.44 -0.63 25.14
N VAL C 51 -2.56 -0.12 24.65
CA VAL C 51 -3.26 0.97 25.31
C VAL C 51 -4.44 0.41 26.08
N THR C 52 -4.47 0.66 27.39
CA THR C 52 -5.58 0.24 28.22
C THR C 52 -6.32 1.51 28.63
N MET C 53 -7.57 1.60 28.22
CA MET C 53 -8.42 2.74 28.56
C MET C 53 -9.19 2.55 29.86
N VAL C 54 -9.11 3.53 30.74
CA VAL C 54 -9.75 3.47 32.05
C VAL C 54 -10.71 4.66 32.18
N GLU C 55 -10.28 5.77 31.60
CA GLU C 55 -10.90 7.05 31.81
C GLU C 55 -11.99 7.21 30.76
N PRO C 56 -13.19 7.68 31.17
CA PRO C 56 -14.20 8.05 30.17
C PRO C 56 -13.62 9.17 29.33
N MET C 57 -13.92 9.14 28.03
CA MET C 57 -13.37 10.08 27.08
C MET C 57 -14.35 10.27 25.92
N ASP C 58 -14.51 11.51 25.52
CA ASP C 58 -15.30 11.87 24.38
C ASP C 58 -14.73 11.22 23.08
N SER C 59 -15.59 10.68 22.22
CA SER C 59 -15.06 9.90 21.05
C SER C 59 -14.26 10.75 20.08
N GLU C 60 -14.69 12.00 19.91
CA GLU C 60 -13.99 12.96 19.05
C GLU C 60 -12.66 13.38 19.63
N VAL C 61 -12.59 13.47 20.96
CA VAL C 61 -11.30 13.69 21.63
C VAL C 61 -10.42 12.45 21.52
N PHE C 62 -11.02 11.28 21.66
CA PHE C 62 -10.31 10.04 21.51
C PHE C 62 -9.76 9.86 20.11
N THR C 63 -10.56 10.23 19.10
CA THR C 63 -10.17 10.08 17.70
C THR C 63 -8.92 10.92 17.44
N GLU C 64 -8.98 12.18 17.86
CA GLU C 64 -7.88 13.14 17.69
C GLU C 64 -6.61 12.61 18.35
N SER C 65 -6.76 12.08 19.55
CA SER C 65 -5.66 11.54 20.28
C SER C 65 -5.10 10.30 19.60
N LEU C 66 -5.99 9.43 19.11
CA LEU C 66 -5.56 8.22 18.44
C LEU C 66 -4.86 8.45 17.09
N ARG C 67 -5.29 9.47 16.34
CA ARG C 67 -4.65 9.79 15.06
C ARG C 67 -3.19 10.27 15.27
N ALA C 68 -3.01 11.17 16.23
CA ALA C 68 -1.70 11.70 16.60
C ALA C 68 -0.78 10.55 17.04
N SER C 69 -1.33 9.70 17.92
CA SER C 69 -0.62 8.57 18.47
C SER C 69 -0.15 7.61 17.41
N LEU C 70 -1.04 7.28 16.49
CA LEU C 70 -0.68 6.38 15.38
C LEU C 70 0.49 6.92 14.57
N SER C 71 0.51 8.24 14.36
CA SER C 71 1.58 8.88 13.62
C SER C 71 2.92 8.77 14.35
N HIS C 72 2.90 9.08 15.64
CA HIS C 72 4.09 9.00 16.46
C HIS C 72 4.61 7.60 16.54
N TRP C 73 3.73 6.67 16.85
CA TRP C 73 4.10 5.27 16.96
C TRP C 73 4.78 4.79 15.71
N ARG C 74 4.31 5.27 14.57
CA ARG C 74 4.88 4.89 13.28
C ARG C 74 6.31 5.42 13.13
N GLU C 75 6.54 6.64 13.62
CA GLU C 75 7.87 7.23 13.65
C GLU C 75 8.71 6.54 14.72
N GLU C 76 8.08 6.11 15.79
CA GLU C 76 8.74 5.41 16.86
C GLU C 76 9.13 3.99 16.41
N GLY C 77 8.76 3.63 15.17
CA GLY C 77 9.05 2.34 14.58
C GLY C 77 8.21 1.17 15.09
N LYS C 78 7.09 1.46 15.75
CA LYS C 78 6.19 0.44 16.29
C LYS C 78 5.38 -0.28 15.22
N LYS C 79 4.96 -1.51 15.53
CA LYS C 79 4.26 -2.33 14.54
C LYS C 79 2.85 -2.66 14.96
N GLY C 80 2.70 -3.35 16.09
CA GLY C 80 1.37 -3.75 16.55
C GLY C 80 0.83 -2.82 17.60
N ILE C 81 -0.42 -2.43 17.45
CA ILE C 81 -1.05 -1.52 18.39
C ILE C 81 -2.34 -2.15 18.91
N TRP C 82 -2.43 -2.27 20.23
CA TRP C 82 -3.53 -2.95 20.89
C TRP C 82 -4.29 -1.95 21.71
N ILE C 83 -5.61 -2.02 21.66
CA ILE C 83 -6.46 -1.14 22.46
C ILE C 83 -7.47 -1.95 23.24
N LYS C 84 -7.32 -1.91 24.56
CA LYS C 84 -8.23 -2.61 25.47
C LYS C 84 -9.29 -1.62 25.89
N LEU C 85 -10.55 -1.95 25.58
CA LEU C 85 -11.67 -1.05 25.88
C LEU C 85 -12.65 -1.70 26.83
N PRO C 86 -12.71 -1.25 28.09
CA PRO C 86 -13.73 -1.80 29.01
C PRO C 86 -15.16 -1.60 28.46
N LEU C 87 -16.07 -2.45 28.88
CA LEU C 87 -17.47 -2.35 28.44
C LEU C 87 -18.06 -0.94 28.62
N GLY C 88 -17.62 -0.21 29.64
CA GLY C 88 -18.12 1.16 29.89
C GLY C 88 -17.59 2.21 28.91
N LEU C 89 -16.54 1.86 28.16
CA LEU C 89 -16.08 2.77 27.11
C LEU C 89 -16.45 2.31 25.68
N ALA C 90 -17.57 1.59 25.58
CA ALA C 90 -18.15 1.15 24.29
C ALA C 90 -18.30 2.31 23.31
N ASN C 91 -18.40 3.53 23.83
CA ASN C 91 -18.50 4.72 22.96
C ASN C 91 -17.23 5.03 22.17
N LEU C 92 -16.20 4.22 22.35
CA LEU C 92 -14.94 4.47 21.62
C LEU C 92 -14.69 3.39 20.54
N VAL C 93 -15.45 2.29 20.57
CA VAL C 93 -15.29 1.20 19.63
C VAL C 93 -15.30 1.70 18.16
N GLU C 94 -16.34 2.46 17.77
CA GLU C 94 -16.50 2.90 16.40
C GLU C 94 -15.33 3.75 15.95
N ALA C 95 -14.94 4.69 16.81
CA ALA C 95 -13.81 5.57 16.57
C ALA C 95 -12.55 4.75 16.29
N ALA C 96 -12.26 3.76 17.12
CA ALA C 96 -11.07 2.90 16.90
C ALA C 96 -11.17 2.18 15.57
N VAL C 97 -12.34 1.60 15.29
CA VAL C 97 -12.57 0.89 14.04
C VAL C 97 -12.33 1.81 12.84
N SER C 98 -12.78 3.06 12.94
CA SER C 98 -12.57 4.08 11.90
C SER C 98 -11.10 4.30 11.58
N GLU C 99 -10.22 4.00 12.54
CA GLU C 99 -8.80 4.27 12.38
C GLU C 99 -8.02 3.06 11.92
N GLY C 100 -8.72 2.07 11.38
CA GLY C 100 -8.06 0.93 10.79
C GLY C 100 -7.90 -0.23 11.74
N PHE C 101 -8.58 -0.17 12.90
CA PHE C 101 -8.51 -1.22 13.90
C PHE C 101 -9.57 -2.27 13.65
N ARG C 102 -9.20 -3.51 13.92
CA ARG C 102 -10.13 -4.61 13.86
C ARG C 102 -10.07 -5.31 15.22
N TYR C 103 -11.13 -6.02 15.57
CA TYR C 103 -11.20 -6.73 16.86
C TYR C 103 -10.15 -7.82 16.92
N HIS C 104 -9.54 -8.01 18.07
CA HIS C 104 -8.73 -9.18 18.31
C HIS C 104 -9.47 -10.24 19.08
N HIS C 105 -10.14 -9.81 20.15
CA HIS C 105 -10.92 -10.70 21.01
C HIS C 105 -11.74 -9.89 21.98
N ALA C 106 -12.60 -10.55 22.78
CA ALA C 106 -13.48 -9.88 23.69
C ALA C 106 -13.83 -10.76 24.85
N GLU C 107 -13.91 -10.16 26.02
CA GLU C 107 -14.31 -10.82 27.25
C GLU C 107 -15.55 -10.08 27.76
N PRO C 108 -16.28 -10.65 28.74
CA PRO C 108 -17.46 -9.95 29.29
C PRO C 108 -17.17 -8.48 29.60
N GLU C 109 -15.98 -8.19 30.10
CA GLU C 109 -15.64 -6.89 30.68
C GLU C 109 -15.07 -5.94 29.64
N TYR C 110 -14.44 -6.48 28.60
CA TYR C 110 -13.70 -5.62 27.68
C TYR C 110 -13.66 -6.13 26.24
N LEU C 111 -13.33 -5.22 25.36
CA LEU C 111 -12.99 -5.53 23.96
C LEU C 111 -11.52 -5.21 23.73
N MET C 112 -10.83 -6.08 22.98
CA MET C 112 -9.46 -5.81 22.57
C MET C 112 -9.41 -5.58 21.07
N LEU C 113 -8.92 -4.41 20.68
CA LEU C 113 -8.81 -4.07 19.25
C LEU C 113 -7.35 -4.03 18.86
N VAL C 114 -7.07 -4.31 17.58
CA VAL C 114 -5.68 -4.39 17.13
C VAL C 114 -5.49 -3.82 15.75
N SER C 115 -4.30 -3.28 15.50
CA SER C 115 -3.90 -2.79 14.19
C SER C 115 -2.40 -3.00 13.97
N TRP C 116 -2.03 -3.21 12.71
CA TRP C 116 -0.65 -3.38 12.32
C TRP C 116 -0.29 -2.18 11.50
N ILE C 117 0.55 -1.32 12.04
CA ILE C 117 0.89 -0.08 11.34
C ILE C 117 2.21 -0.14 10.55
N SER C 118 2.88 -1.29 10.56
CA SER C 118 4.16 -1.48 9.89
C SER C 118 4.03 -1.96 8.44
N GLU C 119 5.13 -1.85 7.69
CA GLU C 119 5.20 -2.36 6.30
C GLU C 119 5.52 -3.86 6.30
N THR C 120 6.19 -4.32 7.35
CA THR C 120 6.51 -5.74 7.55
C THR C 120 5.23 -6.58 7.63
N PRO C 121 5.33 -7.90 7.36
CA PRO C 121 4.09 -8.68 7.30
C PRO C 121 3.38 -8.77 8.67
N ASP C 122 2.04 -8.66 8.65
CA ASP C 122 1.20 -8.70 9.86
C ASP C 122 1.44 -10.00 10.61
N THR C 123 1.82 -9.86 11.87
CA THR C 123 2.26 -11.01 12.65
C THR C 123 1.53 -11.13 13.99
N ILE C 124 0.41 -10.41 14.15
CA ILE C 124 -0.31 -10.45 15.44
C ILE C 124 -0.99 -11.81 15.61
N PRO C 125 -0.90 -12.39 16.82
CA PRO C 125 -1.37 -13.76 17.06
C PRO C 125 -2.88 -13.93 16.93
N ALA C 126 -3.31 -15.14 16.59
CA ALA C 126 -4.70 -15.54 16.66
C ALA C 126 -5.20 -15.46 18.10
N ASN C 127 -6.49 -15.28 18.28
CA ASN C 127 -7.10 -15.35 19.62
C ASN C 127 -7.23 -16.78 20.10
N ALA C 128 -7.80 -16.97 21.29
CA ALA C 128 -8.05 -18.32 21.80
C ALA C 128 -8.88 -19.11 20.77
N SER C 129 -8.42 -20.31 20.42
CA SER C 129 -9.01 -21.11 19.34
C SER C 129 -9.86 -22.30 19.81
N HIS C 130 -9.75 -22.64 21.09
CA HIS C 130 -10.33 -23.88 21.62
C HIS C 130 -11.09 -23.69 22.89
N VAL C 131 -12.25 -24.37 22.98
CA VAL C 131 -12.83 -24.67 24.29
C VAL C 131 -12.47 -26.09 24.70
N VAL C 132 -12.07 -26.26 25.95
CA VAL C 132 -11.70 -27.57 26.46
C VAL C 132 -12.87 -28.18 27.21
N GLY C 133 -13.17 -29.43 26.87
CA GLY C 133 -14.21 -30.21 27.56
C GLY C 133 -13.63 -31.52 28.06
N ALA C 134 -14.33 -32.15 28.99
CA ALA C 134 -13.89 -33.40 29.60
C ALA C 134 -15.03 -34.37 29.80
N GLY C 135 -14.69 -35.66 29.67
CA GLY C 135 -15.65 -36.73 29.87
C GLY C 135 -15.19 -37.58 31.02
N ALA C 136 -16.09 -37.78 31.98
CA ALA C 136 -15.74 -38.45 33.21
C ALA C 136 -16.11 -39.93 33.18
N LEU C 137 -15.10 -40.81 33.20
CA LEU C 137 -15.31 -42.22 33.43
C LEU C 137 -15.00 -42.49 34.89
N VAL C 138 -16.04 -42.77 35.65
CA VAL C 138 -15.88 -43.04 37.07
C VAL C 138 -16.16 -44.50 37.23
N ILE C 139 -15.09 -45.25 37.52
CA ILE C 139 -15.17 -46.71 37.59
C ILE C 139 -15.14 -47.16 39.04
N ASN C 140 -16.20 -47.83 39.46
CA ASN C 140 -16.17 -48.58 40.70
C ASN C 140 -15.45 -49.90 40.44
N LYS C 141 -14.19 -49.95 40.87
CA LYS C 141 -13.30 -51.05 40.55
C LYS C 141 -13.66 -52.33 41.31
N ASN C 142 -14.60 -52.23 42.25
CA ASN C 142 -15.11 -53.39 43.00
C ASN C 142 -16.19 -54.15 42.22
N THR C 143 -16.90 -53.44 41.35
CA THR C 143 -18.10 -53.95 40.71
C THR C 143 -18.02 -53.83 39.20
N LYS C 144 -16.94 -53.23 38.71
CA LYS C 144 -16.74 -52.88 37.29
C LYS C 144 -17.94 -52.11 36.75
N GLU C 145 -18.42 -51.17 37.56
CA GLU C 145 -19.55 -50.33 37.19
C GLU C 145 -19.13 -48.87 36.99
N VAL C 146 -19.62 -48.26 35.93
CA VAL C 146 -19.29 -46.85 35.63
C VAL C 146 -20.44 -45.94 36.01
N LEU C 147 -20.10 -44.67 36.25
CA LEU C 147 -21.11 -43.67 36.57
C LEU C 147 -21.63 -43.00 35.30
N VAL C 148 -22.96 -43.02 35.17
CA VAL C 148 -23.64 -42.52 33.97
C VAL C 148 -24.79 -41.60 34.34
N VAL C 149 -25.07 -40.61 33.49
CA VAL C 149 -26.12 -39.62 33.77
C VAL C 149 -27.28 -39.70 32.77
N TRP C 162 -25.37 -43.57 27.89
CA TRP C 162 -26.47 -43.27 28.81
C TRP C 162 -26.57 -41.82 29.19
N LYS C 163 -25.48 -41.07 29.39
CA LYS C 163 -24.08 -41.45 29.12
C LYS C 163 -23.20 -40.93 30.25
N LEU C 164 -21.87 -40.99 30.05
CA LEU C 164 -20.92 -40.47 31.06
C LEU C 164 -20.97 -38.96 31.21
N PRO C 165 -20.78 -38.45 32.43
CA PRO C 165 -20.86 -37.01 32.70
C PRO C 165 -19.79 -36.19 31.99
N THR C 166 -20.23 -35.20 31.21
CA THR C 166 -19.34 -34.34 30.46
C THR C 166 -19.55 -32.89 30.86
N GLY C 167 -18.49 -32.09 30.74
CA GLY C 167 -18.55 -30.68 31.07
C GLY C 167 -17.36 -29.93 30.49
N VAL C 168 -17.53 -28.62 30.39
CA VAL C 168 -16.47 -27.71 29.98
C VAL C 168 -15.43 -27.49 31.09
N ILE C 169 -14.16 -27.50 30.71
CA ILE C 169 -13.07 -27.06 31.60
C ILE C 169 -12.86 -25.58 31.40
N ASN C 170 -13.09 -24.82 32.46
CA ASN C 170 -12.96 -23.38 32.43
C ASN C 170 -11.54 -22.88 32.09
N GLU C 171 -11.48 -21.65 31.60
CA GLU C 171 -10.25 -20.90 31.49
C GLU C 171 -9.64 -20.77 32.88
N GLY C 172 -8.37 -21.11 32.98
CA GLY C 172 -7.66 -21.04 34.25
C GLY C 172 -7.79 -22.28 35.12
N GLU C 173 -8.57 -23.26 34.64
CA GLU C 173 -8.83 -24.47 35.40
C GLU C 173 -8.09 -25.69 34.81
N ASP C 174 -7.51 -26.51 35.68
CA ASP C 174 -6.88 -27.78 35.25
C ASP C 174 -7.94 -28.78 34.86
N ILE C 175 -7.63 -29.57 33.83
CA ILE C 175 -8.50 -30.65 33.40
C ILE C 175 -8.82 -31.57 34.55
N TRP C 176 -7.77 -31.97 35.27
CA TRP C 176 -7.88 -33.01 36.30
C TRP C 176 -8.76 -32.65 37.47
N THR C 177 -8.75 -31.37 37.87
CA THR C 177 -9.64 -30.89 38.92
C THR C 177 -11.01 -30.56 38.32
N GLY C 178 -10.98 -30.07 37.08
CA GLY C 178 -12.21 -29.68 36.40
C GLY C 178 -13.18 -30.83 36.15
N VAL C 179 -12.66 -31.96 35.68
CA VAL C 179 -13.47 -33.13 35.39
C VAL C 179 -14.08 -33.70 36.68
N ALA C 180 -13.34 -33.60 37.78
CA ALA C 180 -13.82 -34.02 39.09
C ALA C 180 -14.91 -33.09 39.62
N ARG C 181 -14.77 -31.80 39.34
CA ARG C 181 -15.74 -30.79 39.75
C ARG C 181 -17.10 -31.04 39.09
N GLU C 182 -17.08 -31.36 37.81
CA GLU C 182 -18.30 -31.67 37.02
C GLU C 182 -19.09 -32.84 37.58
N VAL C 183 -18.37 -33.91 37.92
CA VAL C 183 -18.97 -35.11 38.50
C VAL C 183 -19.72 -34.76 39.77
N GLU C 184 -19.03 -34.04 40.66
CA GLU C 184 -19.57 -33.69 41.97
C GLU C 184 -20.75 -32.76 41.86
N GLU C 185 -20.78 -31.96 40.80
CA GLU C 185 -21.89 -31.05 40.49
C GLU C 185 -23.09 -31.79 39.91
N GLU C 186 -22.83 -32.68 38.96
CA GLU C 186 -23.91 -33.43 38.31
C GLU C 186 -24.50 -34.51 39.21
N THR C 187 -23.65 -35.31 39.86
CA THR C 187 -24.09 -36.50 40.59
C THR C 187 -23.90 -36.43 42.10
N GLY C 188 -22.98 -35.57 42.55
CA GLY C 188 -22.72 -35.40 43.98
C GLY C 188 -21.68 -36.32 44.59
N ILE C 189 -21.06 -37.17 43.77
CA ILE C 189 -20.02 -38.05 44.29
C ILE C 189 -18.61 -37.58 43.95
N ILE C 190 -17.76 -37.73 44.96
CA ILE C 190 -16.40 -37.24 44.89
C ILE C 190 -15.51 -38.32 44.30
N ALA C 191 -14.78 -37.96 43.26
CA ALA C 191 -13.86 -38.86 42.59
C ALA C 191 -12.56 -38.15 42.25
N ASP C 192 -11.43 -38.84 42.43
CA ASP C 192 -10.13 -38.28 42.09
C ASP C 192 -9.78 -38.63 40.65
N PHE C 193 -8.85 -37.87 40.06
CA PHE C 193 -8.43 -38.08 38.69
C PHE C 193 -7.23 -39.01 38.66
N VAL C 194 -7.31 -40.07 37.84
CA VAL C 194 -6.17 -40.96 37.63
C VAL C 194 -5.51 -40.76 36.26
N GLU C 195 -6.28 -40.83 35.19
CA GLU C 195 -5.72 -40.75 33.84
C GLU C 195 -6.61 -40.06 32.81
N VAL C 196 -5.96 -39.53 31.78
CA VAL C 196 -6.62 -39.18 30.53
C VAL C 196 -6.47 -40.40 29.62
N LEU C 197 -7.60 -40.97 29.22
CA LEU C 197 -7.61 -42.15 28.38
C LEU C 197 -7.45 -41.79 26.89
N ALA C 198 -8.08 -40.68 26.47
CA ALA C 198 -8.10 -40.27 25.07
C ALA C 198 -8.56 -38.83 24.94
N PHE C 199 -8.19 -38.22 23.81
CA PHE C 199 -8.72 -36.90 23.45
C PHE C 199 -8.92 -36.73 21.95
N ARG C 200 -9.83 -35.82 21.59
CA ARG C 200 -10.07 -35.48 20.19
C ARG C 200 -10.43 -34.01 20.01
N GLN C 201 -10.08 -33.46 18.85
CA GLN C 201 -10.50 -32.11 18.48
C GLN C 201 -11.75 -32.22 17.62
N SER C 202 -12.74 -31.40 17.91
CA SER C 202 -13.91 -31.27 17.05
C SER C 202 -13.94 -29.87 16.50
N HIS C 203 -13.69 -29.73 15.20
CA HIS C 203 -13.62 -28.39 14.56
C HIS C 203 -14.98 -27.78 14.30
N LYS C 204 -15.03 -26.44 14.37
CA LYS C 204 -16.25 -25.64 14.09
C LYS C 204 -17.45 -25.87 15.03
N ALA C 205 -17.20 -26.29 16.27
CA ALA C 205 -18.31 -26.67 17.16
C ALA C 205 -18.47 -25.86 18.45
N ILE C 206 -17.40 -25.22 18.91
CA ILE C 206 -17.37 -24.63 20.25
C ILE C 206 -18.02 -23.26 20.36
N LEU C 207 -17.63 -22.32 19.49
CA LEU C 207 -18.35 -21.07 19.33
C LEU C 207 -19.10 -21.18 18.00
N LYS C 208 -19.20 -22.41 17.50
CA LYS C 208 -19.80 -22.73 16.20
C LYS C 208 -18.86 -22.30 15.06
N LYS C 209 -17.73 -21.71 15.48
CA LYS C 209 -16.58 -21.38 14.66
C LYS C 209 -15.30 -21.92 15.33
N LYS C 210 -15.41 -22.17 16.64
CA LYS C 210 -14.28 -22.65 17.45
C LYS C 210 -14.19 -24.19 17.55
N THR C 211 -12.95 -24.67 17.73
CA THR C 211 -12.69 -26.11 17.93
C THR C 211 -12.95 -26.56 19.37
N ASP C 212 -13.54 -27.74 19.55
CA ASP C 212 -13.66 -28.35 20.86
C ASP C 212 -12.52 -29.31 21.15
N MET C 213 -11.87 -29.14 22.29
CA MET C 213 -10.97 -30.16 22.81
C MET C 213 -11.73 -31.01 23.82
N PHE C 214 -11.88 -32.29 23.53
CA PHE C 214 -12.54 -33.19 24.48
C PHE C 214 -11.49 -34.12 25.05
N PHE C 215 -11.53 -34.31 26.37
CA PHE C 215 -10.63 -35.17 27.05
C PHE C 215 -11.40 -36.24 27.81
N LEU C 216 -11.24 -37.48 27.37
CA LEU C 216 -11.81 -38.61 28.07
C LEU C 216 -10.93 -38.93 29.28
N CYS C 217 -11.50 -38.78 30.46
CA CYS C 217 -10.77 -39.00 31.71
C CYS C 217 -11.33 -40.14 32.54
N VAL C 218 -10.44 -40.88 33.18
CA VAL C 218 -10.86 -41.89 34.13
C VAL C 218 -10.67 -41.38 35.57
N LEU C 219 -11.68 -41.63 36.41
CA LEU C 219 -11.65 -41.20 37.79
C LEU C 219 -11.96 -42.37 38.71
N SER C 220 -11.38 -42.37 39.90
CA SER C 220 -11.76 -43.34 40.92
C SER C 220 -12.55 -42.63 42.00
N PRO C 221 -13.73 -43.15 42.32
CA PRO C 221 -14.63 -42.53 43.30
C PRO C 221 -14.21 -42.74 44.76
N ARG C 222 -14.65 -41.86 45.64
CA ARG C 222 -14.41 -41.98 47.07
C ARG C 222 -15.73 -42.06 47.85
N SER C 223 -16.82 -41.64 47.22
CA SER C 223 -18.18 -41.77 47.79
C SER C 223 -19.08 -42.34 46.72
N TYR C 224 -20.18 -42.97 47.13
CA TYR C 224 -20.99 -43.80 46.22
C TYR C 224 -22.49 -43.44 46.18
N ASP C 225 -22.93 -42.63 47.15
CA ASP C 225 -24.31 -42.17 47.23
C ASP C 225 -24.57 -41.03 46.26
N ILE C 226 -25.54 -41.21 45.36
CA ILE C 226 -25.82 -40.24 44.29
C ILE C 226 -26.96 -39.28 44.62
N THR C 227 -26.64 -38.02 44.86
CA THR C 227 -27.66 -36.97 44.91
C THR C 227 -27.63 -36.21 43.58
N GLU C 228 -28.51 -36.59 42.65
CA GLU C 228 -28.61 -35.87 41.38
C GLU C 228 -29.58 -34.72 41.51
N GLN C 229 -29.15 -33.53 41.13
CA GLN C 229 -30.11 -32.45 40.95
C GLN C 229 -30.40 -32.30 39.47
N LYS C 230 -31.58 -31.72 39.20
CA LYS C 230 -32.03 -31.46 37.84
C LYS C 230 -31.37 -30.17 37.40
N SER C 231 -31.59 -29.77 36.14
CA SER C 231 -30.85 -28.65 35.48
C SER C 231 -29.85 -29.19 34.48
N GLU C 232 -29.63 -30.50 34.52
CA GLU C 232 -28.73 -31.20 33.62
C GLU C 232 -29.51 -32.49 33.40
N ILE C 233 -30.01 -32.71 32.20
CA ILE C 233 -31.02 -33.75 31.94
C ILE C 233 -30.28 -34.98 31.37
N LEU C 234 -29.96 -36.00 32.21
CA LEU C 234 -30.41 -36.27 33.61
C LEU C 234 -30.36 -37.78 33.92
N GLN C 235 -30.85 -38.16 35.11
CA GLN C 235 -31.07 -39.56 35.52
C GLN C 235 -29.77 -40.37 35.81
N ALA C 236 -29.06 -40.01 36.87
CA ALA C 236 -27.79 -40.69 37.23
C ALA C 236 -27.93 -41.97 38.05
N LYS C 237 -27.27 -43.05 37.60
CA LYS C 237 -27.14 -44.31 38.34
C LYS C 237 -25.79 -44.98 38.06
N TRP C 238 -25.52 -46.11 38.74
CA TRP C 238 -24.35 -46.96 38.43
C TRP C 238 -24.70 -48.00 37.41
N MET C 239 -23.81 -48.25 36.46
CA MET C 239 -24.06 -49.20 35.37
C MET C 239 -22.86 -50.11 35.07
N PRO C 240 -23.11 -51.44 34.91
CA PRO C 240 -22.08 -52.38 34.45
C PRO C 240 -21.42 -51.89 33.18
N ILE C 241 -20.10 -52.03 33.10
CA ILE C 241 -19.36 -51.56 31.93
C ILE C 241 -19.91 -52.11 30.62
N GLN C 242 -20.20 -53.41 30.60
CA GLN C 242 -20.73 -54.07 29.40
C GLN C 242 -22.07 -53.47 28.91
N GLU C 243 -22.95 -53.14 29.87
CA GLU C 243 -24.23 -52.53 29.55
C GLU C 243 -24.06 -51.17 28.88
N TYR C 244 -23.05 -50.42 29.31
CA TYR C 244 -22.74 -49.11 28.76
C TYR C 244 -22.22 -49.21 27.34
N VAL C 245 -21.36 -50.19 27.09
CA VAL C 245 -20.72 -50.36 25.79
C VAL C 245 -21.73 -50.80 24.73
N ASP C 246 -22.72 -51.57 25.15
CA ASP C 246 -23.62 -52.27 24.23
C ASP C 246 -24.90 -51.51 23.89
N GLN C 247 -24.90 -50.21 24.14
CA GLN C 247 -26.06 -49.35 23.84
C GLN C 247 -26.19 -49.09 22.34
N PRO C 248 -27.40 -48.69 21.89
CA PRO C 248 -27.61 -48.35 20.48
C PRO C 248 -26.82 -47.12 20.02
N TRP C 249 -26.54 -46.17 20.91
CA TRP C 249 -25.77 -45.00 20.51
C TRP C 249 -24.33 -45.35 20.19
N ASN C 250 -23.66 -46.06 21.09
CA ASN C 250 -22.34 -46.60 20.79
C ASN C 250 -22.53 -47.80 19.87
N LYS C 251 -21.46 -48.23 19.22
CA LYS C 251 -21.50 -49.34 18.25
C LYS C 251 -22.31 -48.97 16.99
N LYS C 252 -22.70 -47.68 16.90
CA LYS C 252 -23.44 -47.14 15.75
C LYS C 252 -22.59 -46.11 15.01
N ASN C 253 -21.74 -45.43 15.76
CA ASN C 253 -20.79 -44.47 15.22
C ASN C 253 -19.39 -44.89 15.65
N GLU C 254 -18.47 -44.88 14.69
CA GLU C 254 -17.13 -45.41 14.90
C GLU C 254 -16.34 -44.70 16.03
N MET C 255 -16.52 -43.39 16.18
CA MET C 255 -15.83 -42.62 17.22
C MET C 255 -16.28 -42.96 18.63
N PHE C 256 -17.60 -43.08 18.82
CA PHE C 256 -18.17 -43.44 20.12
C PHE C 256 -17.90 -44.88 20.51
N LYS C 257 -17.99 -45.79 19.54
CA LYS C 257 -17.66 -47.21 19.73
C LYS C 257 -16.20 -47.38 20.17
N PHE C 258 -15.31 -46.65 19.52
CA PHE C 258 -13.89 -46.64 19.86
C PHE C 258 -13.65 -46.05 21.24
N MET C 259 -14.42 -45.02 21.54
CA MET C 259 -14.33 -44.35 22.83
C MET C 259 -14.78 -45.29 23.96
N ALA C 260 -15.83 -46.06 23.69
CA ALA C 260 -16.38 -47.01 24.65
C ALA C 260 -15.47 -48.21 24.82
N ASN C 261 -14.86 -48.65 23.71
CA ASN C 261 -13.87 -49.73 23.75
C ASN C 261 -12.72 -49.38 24.65
N ILE C 262 -12.26 -48.14 24.53
CA ILE C 262 -11.19 -47.62 25.36
C ILE C 262 -11.57 -47.66 26.85
N CYS C 263 -12.81 -47.28 27.16
CA CYS C 263 -13.33 -47.31 28.51
C CYS C 263 -13.37 -48.70 29.09
N GLN C 264 -13.86 -49.68 28.34
CA GLN C 264 -13.90 -51.06 28.80
C GLN C 264 -12.50 -51.60 29.09
N LYS C 265 -11.53 -51.31 28.21
CA LYS C 265 -10.14 -51.69 28.42
C LYS C 265 -9.58 -51.15 29.73
N LYS C 266 -10.06 -49.98 30.16
CA LYS C 266 -9.66 -49.44 31.45
C LYS C 266 -10.37 -50.15 32.61
N CYS C 267 -11.64 -50.47 32.43
CA CYS C 267 -12.41 -51.22 33.41
C CYS C 267 -11.86 -52.63 33.61
N GLU C 268 -11.24 -53.17 32.56
CA GLU C 268 -10.59 -54.48 32.63
C GLU C 268 -9.13 -54.33 33.03
N GLU C 269 -8.76 -53.14 33.51
CA GLU C 269 -7.40 -52.83 33.97
C GLU C 269 -6.33 -53.19 32.93
N GLU C 270 -6.62 -52.88 31.67
CA GLU C 270 -5.74 -53.24 30.55
C GLU C 270 -5.25 -51.99 29.77
N TYR C 271 -5.77 -50.81 30.12
CA TYR C 271 -5.47 -49.60 29.37
C TYR C 271 -4.49 -48.69 30.10
N LEU C 272 -3.41 -48.35 29.41
CA LEU C 272 -2.39 -47.44 29.93
C LEU C 272 -2.58 -46.06 29.28
N GLY C 273 -2.91 -45.08 30.12
CA GLY C 273 -3.23 -43.74 29.67
C GLY C 273 -2.27 -42.72 30.26
N PHE C 274 -2.61 -41.44 30.12
CA PHE C 274 -1.74 -40.36 30.57
C PHE C 274 -2.08 -39.93 31.99
N ALA C 275 -1.07 -39.97 32.86
CA ALA C 275 -1.26 -39.59 34.25
C ALA C 275 -0.64 -38.24 34.55
N ILE C 276 -0.85 -37.78 35.78
CA ILE C 276 -0.38 -36.47 36.23
C ILE C 276 0.90 -36.55 37.07
N VAL C 277 1.88 -35.74 36.69
CA VAL C 277 3.05 -35.52 37.51
C VAL C 277 3.15 -34.03 37.82
N PRO C 278 2.90 -33.65 39.09
CA PRO C 278 3.01 -32.24 39.51
C PRO C 278 4.40 -31.69 39.29
N THR C 279 4.47 -30.44 38.83
CA THR C 279 5.74 -29.81 38.57
C THR C 279 5.67 -28.28 38.67
N THR C 280 6.81 -27.62 38.46
CA THR C 280 6.89 -26.16 38.49
C THR C 280 7.53 -25.60 37.21
N THR C 281 7.10 -24.40 36.81
CA THR C 281 7.59 -23.73 35.61
C THR C 281 8.76 -22.82 35.95
N SER C 282 9.46 -22.33 34.92
CA SER C 282 10.53 -21.35 35.08
C SER C 282 9.99 -20.10 35.77
N SER C 283 10.52 -19.83 36.97
CA SER C 283 10.03 -18.77 37.87
C SER C 283 8.51 -18.83 38.06
N GLY C 284 7.96 -20.03 37.96
CA GLY C 284 6.52 -20.21 37.97
C GLY C 284 6.00 -21.08 39.09
N LYS C 285 4.69 -21.07 39.23
CA LYS C 285 3.98 -21.79 40.28
C LYS C 285 3.56 -23.17 39.76
N GLU C 286 2.84 -23.93 40.58
CA GLU C 286 2.41 -25.29 40.27
C GLU C 286 1.87 -25.46 38.83
N SER C 287 2.44 -26.44 38.13
CA SER C 287 2.00 -26.84 36.80
C SER C 287 1.86 -28.36 36.77
N PHE C 288 1.25 -28.89 35.72
CA PHE C 288 1.05 -30.32 35.60
C PHE C 288 1.41 -30.85 34.22
N ILE C 289 2.26 -31.87 34.20
CA ILE C 289 2.58 -32.57 32.96
C ILE C 289 1.75 -33.83 32.84
N TYR C 290 1.02 -33.93 31.73
CA TYR C 290 0.30 -35.14 31.37
C TYR C 290 1.20 -36.00 30.50
N CYS C 291 1.42 -37.23 30.95
CA CYS C 291 2.30 -38.15 30.24
C CYS C 291 1.99 -39.58 30.63
N ASN C 292 2.61 -40.51 29.90
CA ASN C 292 2.51 -41.95 30.15
C ASN C 292 2.50 -42.27 31.63
N ALA C 293 1.49 -43.01 32.06
CA ALA C 293 1.27 -43.28 33.49
C ALA C 293 2.42 -44.00 34.19
N ASP C 294 3.03 -44.96 33.50
CA ASP C 294 4.17 -45.71 34.04
C ASP C 294 5.41 -44.83 34.10
N HIS C 295 5.56 -43.92 33.14
CA HIS C 295 6.63 -42.91 33.19
C HIS C 295 6.34 -41.88 34.26
N ALA C 296 5.06 -41.65 34.52
CA ALA C 296 4.63 -40.74 35.56
C ALA C 296 4.94 -41.27 36.95
N LYS C 297 4.54 -42.53 37.19
CA LYS C 297 4.85 -43.21 38.44
C LYS C 297 6.36 -43.38 38.60
N ARG C 298 7.07 -43.54 37.48
CA ARG C 298 8.53 -43.65 37.49
C ARG C 298 9.19 -42.33 37.89
N LEU C 299 8.54 -41.22 37.55
CA LEU C 299 9.05 -39.90 37.92
C LEU C 299 8.66 -39.48 39.33
N LYS C 300 7.48 -39.90 39.77
CA LYS C 300 7.00 -39.58 41.13
C LYS C 300 7.69 -40.42 42.21
N VAL C 301 8.17 -41.60 41.85
CA VAL C 301 8.96 -42.43 42.75
C VAL C 301 10.39 -41.88 42.85
N SER C 302 11.00 -41.63 41.68
CA SER C 302 12.38 -41.10 41.57
C SER C 302 12.62 -39.81 42.35
N ARG C 303 11.57 -39.00 42.49
CA ARG C 303 11.62 -37.76 43.24
C ARG C 303 11.41 -38.02 44.72
N ASP C 304 10.35 -38.76 45.05
CA ASP C 304 9.96 -39.04 46.43
C ASP C 304 11.04 -39.86 47.13
N GLN C 305 11.56 -40.83 46.38
CA GLN C 305 12.75 -41.57 46.75
C GLN C 305 13.92 -40.63 46.50
N ALA C 306 14.91 -40.64 47.40
CA ALA C 306 16.12 -39.80 47.25
C ALA C 306 15.90 -38.26 47.27
N SER C 307 15.16 -37.74 48.26
CA SER C 307 14.69 -38.48 49.43
C SER C 307 13.38 -37.87 49.96
S SO4 D . -20.61 15.46 10.57
O1 SO4 D . -19.40 15.98 11.25
O2 SO4 D . -20.29 15.02 9.21
O3 SO4 D . -21.15 14.30 11.35
O4 SO4 D . -21.65 16.53 10.52
S SO4 E . -27.34 13.38 2.35
O1 SO4 E . -27.61 12.34 1.34
O2 SO4 E . -25.87 13.55 2.49
O3 SO4 E . -27.92 12.98 3.66
O4 SO4 E . -27.95 14.65 1.92
S SO4 F . -22.01 -5.27 -11.95
O1 SO4 F . -20.72 -5.31 -12.68
O2 SO4 F . -23.12 -5.10 -12.93
O3 SO4 F . -22.16 -6.53 -11.21
O4 SO4 F . -22.03 -4.12 -11.02
PA ADV G . -23.27 -28.38 27.20
O5' ADV G . -24.36 -27.27 27.39
C5' ADV G . -25.63 -27.54 27.95
C4' ADV G . -25.81 -26.66 29.20
O4' ADV G . -24.91 -25.54 29.21
C3' ADV G . -27.22 -26.13 29.28
O3' ADV G . -27.82 -26.80 30.40
C2' ADV G . -27.07 -24.64 29.50
O2' ADV G . -27.08 -24.46 30.91
C1' ADV G . -25.66 -24.33 29.03
N9 ADV G . -25.57 -23.89 27.60
C8 ADV G . -24.75 -24.42 26.68
N7 ADV G . -24.86 -23.81 25.47
C5 ADV G . -25.77 -22.87 25.65
C6 ADV G . -26.34 -21.86 24.79
N6 ADV G . -25.90 -21.85 23.53
N1 ADV G . -27.27 -21.02 25.28
C2 ADV G . -27.68 -21.09 26.55
N3 ADV G . -27.18 -22.00 27.38
C4 ADV G . -26.24 -22.90 27.02
CX ADV G . -23.40 -28.86 28.93
PB ADV G . -21.95 -29.67 29.53
O1B ADV G . -22.42 -30.81 30.36
OR5 ADV G . -21.16 -30.17 28.23
CR5 ADV G . -19.84 -29.72 27.98
CR4 ADV G . -19.30 -30.33 26.69
OR4 ADV G . -17.91 -30.64 26.85
CR3 ADV G . -19.99 -31.62 26.33
OR3 ADV G . -21.08 -31.32 25.43
CR2 ADV G . -18.89 -32.47 25.70
OR2 ADV G . -19.14 -32.68 24.32
CR1 ADV G . -17.60 -31.67 25.92
OR1 ADV G . -17.17 -31.05 24.71
O2A ADV G . -22.19 -27.27 26.74
O2B ADV G . -21.09 -28.59 30.37
O1A ADV G . -24.06 -29.12 26.19
S SO4 H . -19.43 10.60 22.62
O1 SO4 H . -19.02 12.03 22.58
O2 SO4 H . -18.96 9.90 21.40
O3 SO4 H . -20.91 10.53 22.66
O4 SO4 H . -18.85 9.96 23.83
#